data_1F6L
# 
_entry.id   1F6L 
# 
_audit_conform.dict_name       mmcif_pdbx.dic 
_audit_conform.dict_version    5.399 
_audit_conform.dict_location   http://mmcif.pdb.org/dictionaries/ascii/mmcif_pdbx.dic 
# 
loop_
_database_2.database_id 
_database_2.database_code 
_database_2.pdbx_database_accession 
_database_2.pdbx_DOI 
PDB   1F6L         pdb_00001f6l 10.2210/pdb1f6l/pdb 
RCSB  RCSB011306   ?            ?                   
WWPDB D_1000011306 ?            ?                   
# 
loop_
_pdbx_audit_revision_history.ordinal 
_pdbx_audit_revision_history.data_content_type 
_pdbx_audit_revision_history.major_revision 
_pdbx_audit_revision_history.minor_revision 
_pdbx_audit_revision_history.revision_date 
1 'Structure model' 1 0 2002-10-23 
2 'Structure model' 1 1 2008-04-27 
3 'Structure model' 1 2 2011-07-13 
4 'Structure model' 1 3 2018-04-04 
5 'Structure model' 1 4 2024-11-20 
# 
_pdbx_audit_revision_details.ordinal             1 
_pdbx_audit_revision_details.revision_ordinal    1 
_pdbx_audit_revision_details.data_content_type   'Structure model' 
_pdbx_audit_revision_details.provider            repository 
_pdbx_audit_revision_details.type                'Initial release' 
_pdbx_audit_revision_details.description         ? 
_pdbx_audit_revision_details.details             ? 
# 
loop_
_pdbx_audit_revision_group.ordinal 
_pdbx_audit_revision_group.revision_ordinal 
_pdbx_audit_revision_group.data_content_type 
_pdbx_audit_revision_group.group 
1 2 'Structure model' 'Version format compliance' 
2 3 'Structure model' 'Version format compliance' 
3 4 'Structure model' 'Data collection'           
4 5 'Structure model' 'Data collection'           
5 5 'Structure model' 'Database references'       
6 5 'Structure model' 'Structure summary'         
# 
loop_
_pdbx_audit_revision_category.ordinal 
_pdbx_audit_revision_category.revision_ordinal 
_pdbx_audit_revision_category.data_content_type 
_pdbx_audit_revision_category.category 
1 4 'Structure model' diffrn_source             
2 5 'Structure model' chem_comp_atom            
3 5 'Structure model' chem_comp_bond            
4 5 'Structure model' database_2                
5 5 'Structure model' pdbx_entry_details        
6 5 'Structure model' pdbx_modification_feature 
7 5 'Structure model' struct_ref_seq_dif        
# 
loop_
_pdbx_audit_revision_item.ordinal 
_pdbx_audit_revision_item.revision_ordinal 
_pdbx_audit_revision_item.data_content_type 
_pdbx_audit_revision_item.item 
1 4 'Structure model' '_diffrn_source.type'                 
2 5 'Structure model' '_database_2.pdbx_DOI'                
3 5 'Structure model' '_database_2.pdbx_database_accession' 
4 5 'Structure model' '_struct_ref_seq_dif.details'         
# 
_pdbx_database_status.status_code                     REL 
_pdbx_database_status.entry_id                        1F6L 
_pdbx_database_status.recvd_initial_deposition_date   2000-06-22 
_pdbx_database_status.deposit_site                    RCSB 
_pdbx_database_status.process_site                    RCSB 
_pdbx_database_status.SG_entry                        . 
_pdbx_database_status.pdb_format_compatible           Y 
_pdbx_database_status.status_code_mr                  ? 
_pdbx_database_status.status_code_sf                  ? 
_pdbx_database_status.status_code_cs                  ? 
_pdbx_database_status.methods_development_category    ? 
_pdbx_database_status.status_code_nmr_data            ? 
# 
loop_
_audit_author.name 
_audit_author.pdbx_ordinal 
'Nymalm, Y.'        1  
'Kravchuk, Z.'      2  
'Salminen, T.'      3  
'Chumanevich, A.A.' 4  
'Dubnovitsky, A.P.' 5  
'Kankare, J.'       6  
'Pentikainen, O.'   7  
'Lehtonen, J.'      8  
'Arosio, P.'        9  
'Martsev, S.'       10 
'Johnson, M.S.'     11 
# 
_citation.id                        primary 
_citation.title                     'Antiferritin VL homodimer binds human spleen ferritin with high specificity' 
_citation.journal_abbrev            J.STRUCT.BIOL. 
_citation.journal_volume            138 
_citation.page_first                171 
_citation.page_last                 186 
_citation.year                      2002 
_citation.journal_id_ASTM           JSBIEM 
_citation.country                   US 
_citation.journal_id_ISSN           1047-8477 
_citation.journal_id_CSD            0803 
_citation.book_publisher            ? 
_citation.pdbx_database_id_PubMed   12217656 
_citation.pdbx_database_id_DOI      '10.1016/S1047-8477(02)00015-1' 
# 
loop_
_citation_author.citation_id 
_citation_author.name 
_citation_author.ordinal 
_citation_author.identifier_ORCID 
primary 'Nymalm, Y.'        1  ? 
primary 'Kravchuk, Z.'      2  ? 
primary 'Salminen, T.'      3  ? 
primary 'Chumanevich, A.A.' 4  ? 
primary 'Dubnovitsky, A.P.' 5  ? 
primary 'Kankare, J.'       6  ? 
primary 'Pentikainen, O.'   7  ? 
primary 'Lehtonen, J.'      8  ? 
primary 'Arosio, P.'        9  ? 
primary 'Martsev, S.'       10 ? 
primary 'Johnson, M.S.'     11 ? 
# 
loop_
_entity.id 
_entity.type 
_entity.src_method 
_entity.pdbx_description 
_entity.formula_weight 
_entity.pdbx_number_of_molecules 
_entity.pdbx_ec 
_entity.pdbx_mutation 
_entity.pdbx_fragment 
_entity.details 
1 polymer man 'ANTI-FERRITIN IMMUNOGLOBULIN LIGHT CHAIN' 12709.074 1 ? ? 'VARIABLE LIGHT CHAIN' ? 
2 water   nat water                                      18.015    8 ? ? ?                      ? 
# 
_entity_poly.entity_id                      1 
_entity_poly.type                           'polypeptide(L)' 
_entity_poly.nstd_linkage                   no 
_entity_poly.nstd_monomer                   no 
_entity_poly.pdbx_seq_one_letter_code       
;DIQMTQSPASLSASVGETVTITCRASENIYSYLAWYQQKQGKSPQLLVYNAKTLAEGVPSRFSGSGSGTQFSLKINSLQP
EDFGSYYCQHHYGTPFTFGSGTKLEIKRHHHHHH
;
_entity_poly.pdbx_seq_one_letter_code_can   
;DIQMTQSPASLSASVGETVTITCRASENIYSYLAWYQQKQGKSPQLLVYNAKTLAEGVPSRFSGSGSGTQFSLKINSLQP
EDFGSYYCQHHYGTPFTFGSGTKLEIKRHHHHHH
;
_entity_poly.pdbx_strand_id                 L 
_entity_poly.pdbx_target_identifier         ? 
# 
_pdbx_entity_nonpoly.entity_id   2 
_pdbx_entity_nonpoly.name        water 
_pdbx_entity_nonpoly.comp_id     HOH 
# 
loop_
_entity_poly_seq.entity_id 
_entity_poly_seq.num 
_entity_poly_seq.mon_id 
_entity_poly_seq.hetero 
1 1   ASP n 
1 2   ILE n 
1 3   GLN n 
1 4   MET n 
1 5   THR n 
1 6   GLN n 
1 7   SER n 
1 8   PRO n 
1 9   ALA n 
1 10  SER n 
1 11  LEU n 
1 12  SER n 
1 13  ALA n 
1 14  SER n 
1 15  VAL n 
1 16  GLY n 
1 17  GLU n 
1 18  THR n 
1 19  VAL n 
1 20  THR n 
1 21  ILE n 
1 22  THR n 
1 23  CYS n 
1 24  ARG n 
1 25  ALA n 
1 26  SER n 
1 27  GLU n 
1 28  ASN n 
1 29  ILE n 
1 30  TYR n 
1 31  SER n 
1 32  TYR n 
1 33  LEU n 
1 34  ALA n 
1 35  TRP n 
1 36  TYR n 
1 37  GLN n 
1 38  GLN n 
1 39  LYS n 
1 40  GLN n 
1 41  GLY n 
1 42  LYS n 
1 43  SER n 
1 44  PRO n 
1 45  GLN n 
1 46  LEU n 
1 47  LEU n 
1 48  VAL n 
1 49  TYR n 
1 50  ASN n 
1 51  ALA n 
1 52  LYS n 
1 53  THR n 
1 54  LEU n 
1 55  ALA n 
1 56  GLU n 
1 57  GLY n 
1 58  VAL n 
1 59  PRO n 
1 60  SER n 
1 61  ARG n 
1 62  PHE n 
1 63  SER n 
1 64  GLY n 
1 65  SER n 
1 66  GLY n 
1 67  SER n 
1 68  GLY n 
1 69  THR n 
1 70  GLN n 
1 71  PHE n 
1 72  SER n 
1 73  LEU n 
1 74  LYS n 
1 75  ILE n 
1 76  ASN n 
1 77  SER n 
1 78  LEU n 
1 79  GLN n 
1 80  PRO n 
1 81  GLU n 
1 82  ASP n 
1 83  PHE n 
1 84  GLY n 
1 85  SER n 
1 86  TYR n 
1 87  TYR n 
1 88  CYS n 
1 89  GLN n 
1 90  HIS n 
1 91  HIS n 
1 92  TYR n 
1 93  GLY n 
1 94  THR n 
1 95  PRO n 
1 96  PHE n 
1 97  THR n 
1 98  PHE n 
1 99  GLY n 
1 100 SER n 
1 101 GLY n 
1 102 THR n 
1 103 LYS n 
1 104 LEU n 
1 105 GLU n 
1 106 ILE n 
1 107 LYS n 
1 108 ARG n 
1 109 HIS n 
1 110 HIS n 
1 111 HIS n 
1 112 HIS n 
1 113 HIS n 
1 114 HIS n 
# 
_entity_src_gen.entity_id                          1 
_entity_src_gen.pdbx_src_id                        1 
_entity_src_gen.pdbx_alt_source_flag               sample 
_entity_src_gen.pdbx_seq_type                      ? 
_entity_src_gen.pdbx_beg_seq_num                   ? 
_entity_src_gen.pdbx_end_seq_num                   ? 
_entity_src_gen.gene_src_common_name               human 
_entity_src_gen.gene_src_genus                     Homo 
_entity_src_gen.pdbx_gene_src_gene                 ? 
_entity_src_gen.gene_src_species                   ? 
_entity_src_gen.gene_src_strain                    ? 
_entity_src_gen.gene_src_tissue                    ? 
_entity_src_gen.gene_src_tissue_fraction           ? 
_entity_src_gen.gene_src_details                   ? 
_entity_src_gen.pdbx_gene_src_fragment             ? 
_entity_src_gen.pdbx_gene_src_scientific_name      'Homo sapiens' 
_entity_src_gen.pdbx_gene_src_ncbi_taxonomy_id     9606 
_entity_src_gen.pdbx_gene_src_variant              ? 
_entity_src_gen.pdbx_gene_src_cell_line            ? 
_entity_src_gen.pdbx_gene_src_atcc                 ? 
_entity_src_gen.pdbx_gene_src_organ                SPLEEN 
_entity_src_gen.pdbx_gene_src_organelle            ? 
_entity_src_gen.pdbx_gene_src_cell                 ? 
_entity_src_gen.pdbx_gene_src_cellular_location    ? 
_entity_src_gen.host_org_common_name               ? 
_entity_src_gen.pdbx_host_org_scientific_name      'Escherichia coli' 
_entity_src_gen.pdbx_host_org_ncbi_taxonomy_id     562 
_entity_src_gen.host_org_genus                     Escherichia 
_entity_src_gen.pdbx_host_org_gene                 ? 
_entity_src_gen.pdbx_host_org_organ                ? 
_entity_src_gen.host_org_species                   ? 
_entity_src_gen.pdbx_host_org_tissue               ? 
_entity_src_gen.pdbx_host_org_tissue_fraction      ? 
_entity_src_gen.pdbx_host_org_strain               ? 
_entity_src_gen.pdbx_host_org_variant              ? 
_entity_src_gen.pdbx_host_org_cell_line            ? 
_entity_src_gen.pdbx_host_org_atcc                 ? 
_entity_src_gen.pdbx_host_org_culture_collection   ? 
_entity_src_gen.pdbx_host_org_cell                 ? 
_entity_src_gen.pdbx_host_org_organelle            ? 
_entity_src_gen.pdbx_host_org_cellular_location    ? 
_entity_src_gen.pdbx_host_org_vector_type          ? 
_entity_src_gen.pdbx_host_org_vector               ? 
_entity_src_gen.host_org_details                   ? 
_entity_src_gen.expression_system_id               ? 
_entity_src_gen.plasmid_name                       PETVL 
_entity_src_gen.plasmid_details                    ? 
_entity_src_gen.pdbx_description                   ? 
# 
loop_
_chem_comp.id 
_chem_comp.type 
_chem_comp.mon_nstd_flag 
_chem_comp.name 
_chem_comp.pdbx_synonyms 
_chem_comp.formula 
_chem_comp.formula_weight 
ALA 'L-peptide linking' y ALANINE         ? 'C3 H7 N O2'     89.093  
ARG 'L-peptide linking' y ARGININE        ? 'C6 H15 N4 O2 1' 175.209 
ASN 'L-peptide linking' y ASPARAGINE      ? 'C4 H8 N2 O3'    132.118 
ASP 'L-peptide linking' y 'ASPARTIC ACID' ? 'C4 H7 N O4'     133.103 
CYS 'L-peptide linking' y CYSTEINE        ? 'C3 H7 N O2 S'   121.158 
GLN 'L-peptide linking' y GLUTAMINE       ? 'C5 H10 N2 O3'   146.144 
GLU 'L-peptide linking' y 'GLUTAMIC ACID' ? 'C5 H9 N O4'     147.129 
GLY 'peptide linking'   y GLYCINE         ? 'C2 H5 N O2'     75.067  
HIS 'L-peptide linking' y HISTIDINE       ? 'C6 H10 N3 O2 1' 156.162 
HOH non-polymer         . WATER           ? 'H2 O'           18.015  
ILE 'L-peptide linking' y ISOLEUCINE      ? 'C6 H13 N O2'    131.173 
LEU 'L-peptide linking' y LEUCINE         ? 'C6 H13 N O2'    131.173 
LYS 'L-peptide linking' y LYSINE          ? 'C6 H15 N2 O2 1' 147.195 
MET 'L-peptide linking' y METHIONINE      ? 'C5 H11 N O2 S'  149.211 
PHE 'L-peptide linking' y PHENYLALANINE   ? 'C9 H11 N O2'    165.189 
PRO 'L-peptide linking' y PROLINE         ? 'C5 H9 N O2'     115.130 
SER 'L-peptide linking' y SERINE          ? 'C3 H7 N O3'     105.093 
THR 'L-peptide linking' y THREONINE       ? 'C4 H9 N O3'     119.119 
TRP 'L-peptide linking' y TRYPTOPHAN      ? 'C11 H12 N2 O2'  204.225 
TYR 'L-peptide linking' y TYROSINE        ? 'C9 H11 N O3'    181.189 
VAL 'L-peptide linking' y VALINE          ? 'C5 H11 N O2'    117.146 
# 
loop_
_pdbx_poly_seq_scheme.asym_id 
_pdbx_poly_seq_scheme.entity_id 
_pdbx_poly_seq_scheme.seq_id 
_pdbx_poly_seq_scheme.mon_id 
_pdbx_poly_seq_scheme.ndb_seq_num 
_pdbx_poly_seq_scheme.pdb_seq_num 
_pdbx_poly_seq_scheme.auth_seq_num 
_pdbx_poly_seq_scheme.pdb_mon_id 
_pdbx_poly_seq_scheme.auth_mon_id 
_pdbx_poly_seq_scheme.pdb_strand_id 
_pdbx_poly_seq_scheme.pdb_ins_code 
_pdbx_poly_seq_scheme.hetero 
A 1 1   ASP 1   1   1   ASP ASP L . n 
A 1 2   ILE 2   2   2   ILE ILE L . n 
A 1 3   GLN 3   3   3   GLN GLN L . n 
A 1 4   MET 4   4   4   MET MET L . n 
A 1 5   THR 5   5   5   THR THR L . n 
A 1 6   GLN 6   6   6   GLN GLN L . n 
A 1 7   SER 7   7   7   SER SER L . n 
A 1 8   PRO 8   8   8   PRO PRO L . n 
A 1 9   ALA 9   9   9   ALA ALA L . n 
A 1 10  SER 10  10  10  SER SER L . n 
A 1 11  LEU 11  11  11  LEU LEU L . n 
A 1 12  SER 12  12  12  SER SER L . n 
A 1 13  ALA 13  13  13  ALA ALA L . n 
A 1 14  SER 14  14  14  SER SER L . n 
A 1 15  VAL 15  15  15  VAL VAL L . n 
A 1 16  GLY 16  16  16  GLY GLY L . n 
A 1 17  GLU 17  17  17  GLU GLU L . n 
A 1 18  THR 18  18  18  THR THR L . n 
A 1 19  VAL 19  19  19  VAL VAL L . n 
A 1 20  THR 20  20  20  THR THR L . n 
A 1 21  ILE 21  21  21  ILE ILE L . n 
A 1 22  THR 22  22  22  THR THR L . n 
A 1 23  CYS 23  23  23  CYS CYS L . n 
A 1 24  ARG 24  24  24  ARG ARG L . n 
A 1 25  ALA 25  25  25  ALA ALA L . n 
A 1 26  SER 26  26  26  SER SER L . n 
A 1 27  GLU 27  27  27  GLU GLU L . n 
A 1 28  ASN 28  28  28  ASN ASN L . n 
A 1 29  ILE 29  29  29  ILE ILE L . n 
A 1 30  TYR 30  30  30  TYR TYR L . n 
A 1 31  SER 31  31  31  SER SER L . n 
A 1 32  TYR 32  32  32  TYR TYR L . n 
A 1 33  LEU 33  33  33  LEU LEU L . n 
A 1 34  ALA 34  34  34  ALA ALA L . n 
A 1 35  TRP 35  35  35  TRP TRP L . n 
A 1 36  TYR 36  36  36  TYR TYR L . n 
A 1 37  GLN 37  37  37  GLN GLN L . n 
A 1 38  GLN 38  38  38  GLN GLN L . n 
A 1 39  LYS 39  39  39  LYS LYS L . n 
A 1 40  GLN 40  40  40  GLN GLN L . n 
A 1 41  GLY 41  41  41  GLY GLY L . n 
A 1 42  LYS 42  42  42  LYS LYS L . n 
A 1 43  SER 43  43  43  SER SER L . n 
A 1 44  PRO 44  44  44  PRO PRO L . n 
A 1 45  GLN 45  45  45  GLN GLN L . n 
A 1 46  LEU 46  46  46  LEU LEU L . n 
A 1 47  LEU 47  47  47  LEU LEU L . n 
A 1 48  VAL 48  48  48  VAL VAL L . n 
A 1 49  TYR 49  49  49  TYR TYR L . n 
A 1 50  ASN 50  50  50  ASN ASN L . n 
A 1 51  ALA 51  51  51  ALA ALA L . n 
A 1 52  LYS 52  52  52  LYS LYS L . n 
A 1 53  THR 53  53  53  THR THR L . n 
A 1 54  LEU 54  54  54  LEU LEU L . n 
A 1 55  ALA 55  55  55  ALA ALA L . n 
A 1 56  GLU 56  56  56  GLU GLU L . n 
A 1 57  GLY 57  57  57  GLY GLY L . n 
A 1 58  VAL 58  58  58  VAL VAL L . n 
A 1 59  PRO 59  59  59  PRO PRO L . n 
A 1 60  SER 60  60  60  SER SER L . n 
A 1 61  ARG 61  61  61  ARG ARG L . n 
A 1 62  PHE 62  62  62  PHE PHE L . n 
A 1 63  SER 63  63  63  SER SER L . n 
A 1 64  GLY 64  64  64  GLY GLY L . n 
A 1 65  SER 65  65  65  SER SER L . n 
A 1 66  GLY 66  66  66  GLY GLY L . n 
A 1 67  SER 67  67  67  SER SER L . n 
A 1 68  GLY 68  68  68  GLY GLY L . n 
A 1 69  THR 69  69  69  THR THR L . n 
A 1 70  GLN 70  70  70  GLN GLN L . n 
A 1 71  PHE 71  71  71  PHE PHE L . n 
A 1 72  SER 72  72  72  SER SER L . n 
A 1 73  LEU 73  73  73  LEU LEU L . n 
A 1 74  LYS 74  74  74  LYS LYS L . n 
A 1 75  ILE 75  75  75  ILE ILE L . n 
A 1 76  ASN 76  76  76  ASN ASN L . n 
A 1 77  SER 77  77  77  SER SER L . n 
A 1 78  LEU 78  78  78  LEU LEU L . n 
A 1 79  GLN 79  79  79  GLN GLN L . n 
A 1 80  PRO 80  80  80  PRO PRO L . n 
A 1 81  GLU 81  81  81  GLU GLU L . n 
A 1 82  ASP 82  82  82  ASP ASP L . n 
A 1 83  PHE 83  83  83  PHE PHE L . n 
A 1 84  GLY 84  84  84  GLY GLY L . n 
A 1 85  SER 85  85  85  SER SER L . n 
A 1 86  TYR 86  86  86  TYR TYR L . n 
A 1 87  TYR 87  87  87  TYR TYR L . n 
A 1 88  CYS 88  88  88  CYS CYS L . n 
A 1 89  GLN 89  89  89  GLN GLN L . n 
A 1 90  HIS 90  90  90  HIS HIS L . n 
A 1 91  HIS 91  91  91  HIS HIS L . n 
A 1 92  TYR 92  92  92  TYR TYR L . n 
A 1 93  GLY 93  93  93  GLY GLY L . n 
A 1 94  THR 94  94  94  THR THR L . n 
A 1 95  PRO 95  95  95  PRO PRO L . n 
A 1 96  PHE 96  96  96  PHE PHE L . n 
A 1 97  THR 97  97  97  THR THR L . n 
A 1 98  PHE 98  98  98  PHE PHE L . n 
A 1 99  GLY 99  99  99  GLY GLY L . n 
A 1 100 SER 100 100 100 SER SER L . n 
A 1 101 GLY 101 101 101 GLY GLY L . n 
A 1 102 THR 102 102 102 THR THR L . n 
A 1 103 LYS 103 103 103 LYS LYS L . n 
A 1 104 LEU 104 104 104 LEU LEU L . n 
A 1 105 GLU 105 105 105 GLU GLU L . n 
A 1 106 ILE 106 106 106 ILE ILE L . n 
A 1 107 LYS 107 107 ?   ?   ?   L . n 
A 1 108 ARG 108 108 ?   ?   ?   L . n 
A 1 109 HIS 109 109 ?   ?   ?   L . n 
A 1 110 HIS 110 110 ?   ?   ?   L . n 
A 1 111 HIS 111 111 ?   ?   ?   L . n 
A 1 112 HIS 112 112 ?   ?   ?   L . n 
A 1 113 HIS 113 113 ?   ?   ?   L . n 
A 1 114 HIS 114 114 ?   ?   ?   L . n 
# 
loop_
_pdbx_nonpoly_scheme.asym_id 
_pdbx_nonpoly_scheme.entity_id 
_pdbx_nonpoly_scheme.mon_id 
_pdbx_nonpoly_scheme.ndb_seq_num 
_pdbx_nonpoly_scheme.pdb_seq_num 
_pdbx_nonpoly_scheme.auth_seq_num 
_pdbx_nonpoly_scheme.pdb_mon_id 
_pdbx_nonpoly_scheme.auth_mon_id 
_pdbx_nonpoly_scheme.pdb_strand_id 
_pdbx_nonpoly_scheme.pdb_ins_code 
B 2 HOH 1 115 101 HOH HOH L . 
B 2 HOH 2 116 102 HOH HOH L . 
B 2 HOH 3 117 103 HOH HOH L . 
B 2 HOH 4 118 104 HOH HOH L . 
B 2 HOH 5 119 105 HOH HOH L . 
B 2 HOH 6 120 106 HOH HOH L . 
B 2 HOH 7 121 107 HOH HOH L . 
B 2 HOH 8 122 108 HOH HOH L . 
# 
loop_
_software.name 
_software.classification 
_software.version 
_software.citation_id 
_software.pdbx_ordinal 
DENZO     'data reduction' . ? 1 
SCALEPACK 'data scaling'   . ? 2 
CNS       refinement       . ? 3 
CNS       phasing          . ? 4 
# 
_cell.entry_id           1F6L 
_cell.length_a           52.214 
_cell.length_b           52.214 
_cell.length_c           157.750 
_cell.angle_alpha        90.00 
_cell.angle_beta         90.00 
_cell.angle_gamma        120.00 
_cell.Z_PDB              12 
_cell.pdbx_unique_axis   ? 
# 
_symmetry.entry_id                         1F6L 
_symmetry.space_group_name_H-M             'P 61 2 2' 
_symmetry.pdbx_full_space_group_name_H-M   ? 
_symmetry.cell_setting                     ? 
_symmetry.Int_Tables_number                178 
# 
_exptl.entry_id          1F6L 
_exptl.method            'X-RAY DIFFRACTION' 
_exptl.crystals_number   1 
# 
_exptl_crystal.id                    1 
_exptl_crystal.density_meas          ? 
_exptl_crystal.density_percent_sol   49.61 
_exptl_crystal.density_Matthews      2.44 
_exptl_crystal.description           ? 
# 
_exptl_crystal_grow.crystal_id      1 
_exptl_crystal_grow.method          'VAPOR DIFFUSION, HANGING DROP' 
_exptl_crystal_grow.pH              7.2 
_exptl_crystal_grow.temp            277 
_exptl_crystal_grow.temp_details    ? 
_exptl_crystal_grow.pdbx_details    'PEG 400, ammonium sulfate, hepes, pH 7.2, VAPOR DIFFUSION, HANGING DROP, temperature 277K' 
_exptl_crystal_grow.pdbx_pH_range   ? 
# 
_diffrn.id                     1 
_diffrn.ambient_temp           295 
_diffrn.ambient_temp_details   ? 
_diffrn.crystal_id             1 
# 
_diffrn_detector.diffrn_id              1 
_diffrn_detector.detector               'IMAGE PLATE' 
_diffrn_detector.type                   'RIGAKU RAXIS IIC' 
_diffrn_detector.pdbx_collection_date   1998-10-19 
_diffrn_detector.details                ? 
# 
_diffrn_radiation.diffrn_id                        1 
_diffrn_radiation.wavelength_id                    1 
_diffrn_radiation.monochromator                    ? 
_diffrn_radiation.pdbx_monochromatic_or_laue_m_l   M 
_diffrn_radiation.pdbx_diffrn_protocol             'SINGLE WAVELENGTH' 
_diffrn_radiation.pdbx_scattering_type             x-ray 
# 
_diffrn_radiation_wavelength.id           1 
_diffrn_radiation_wavelength.wavelength   1.5418 
_diffrn_radiation_wavelength.wt           1.0 
# 
_diffrn_source.diffrn_id                   1 
_diffrn_source.source                      'ROTATING ANODE' 
_diffrn_source.type                        'RIGAKU RU200' 
_diffrn_source.pdbx_wavelength             1.5418 
_diffrn_source.pdbx_synchrotron_site       ? 
_diffrn_source.pdbx_synchrotron_beamline   ? 
_diffrn_source.pdbx_wavelength_list        ? 
# 
_reflns.entry_id                     1F6L 
_reflns.observed_criterion_sigma_I   -3 
_reflns.observed_criterion_sigma_F   ? 
_reflns.d_resolution_low             30 
_reflns.d_resolution_high            2.8 
_reflns.number_obs                   3445 
_reflns.number_all                   3589 
_reflns.percent_possible_obs         96.3 
_reflns.pdbx_Rmerge_I_obs            0.099 
_reflns.pdbx_Rsym_value              ? 
_reflns.pdbx_netI_over_sigmaI        ? 
_reflns.B_iso_Wilson_estimate        ? 
_reflns.pdbx_redundancy              11.3 
_reflns.R_free_details               ? 
_reflns.limit_h_max                  ? 
_reflns.limit_h_min                  ? 
_reflns.limit_k_max                  ? 
_reflns.limit_k_min                  ? 
_reflns.limit_l_max                  ? 
_reflns.limit_l_min                  ? 
_reflns.observed_criterion_F_max     ? 
_reflns.observed_criterion_F_min     ? 
_reflns.pdbx_diffrn_id               1 
_reflns.pdbx_ordinal                 1 
# 
_reflns_shell.d_res_high             2.8 
_reflns_shell.d_res_low              2.9 
_reflns_shell.percent_possible_obs   ? 
_reflns_shell.percent_possible_all   90.5 
_reflns_shell.Rmerge_I_obs           0.323 
_reflns_shell.meanI_over_sigI_obs    ? 
_reflns_shell.pdbx_Rsym_value        ? 
_reflns_shell.pdbx_redundancy        ? 
_reflns_shell.number_unique_all      315 
_reflns_shell.pdbx_diffrn_id         ? 
_reflns_shell.pdbx_ordinal           1 
# 
_refine.entry_id                                 1F6L 
_refine.ls_number_reflns_obs                     3335 
_refine.ls_number_reflns_all                     3553 
_refine.pdbx_ls_sigma_I                          ? 
_refine.pdbx_ls_sigma_F                          0.0 
_refine.pdbx_data_cutoff_high_absF               ? 
_refine.pdbx_data_cutoff_low_absF                ? 
_refine.ls_d_res_low                             500 
_refine.ls_d_res_high                            2.8 
_refine.ls_percent_reflns_obs                    93.9 
_refine.ls_R_factor_obs                          ? 
_refine.ls_R_factor_all                          ? 
_refine.ls_R_factor_R_work                       0.191 
_refine.ls_R_factor_R_free                       0.257 
_refine.ls_R_factor_R_free_error                 ? 
_refine.ls_R_factor_R_free_error_details         ? 
_refine.ls_percent_reflns_R_free                 ? 
_refine.ls_number_reflns_R_free                  328 
_refine.ls_number_parameters                     ? 
_refine.ls_number_restraints                     ? 
_refine.occupancy_min                            ? 
_refine.occupancy_max                            ? 
_refine.B_iso_mean                               ? 
_refine.aniso_B[1][1]                            ? 
_refine.aniso_B[2][2]                            ? 
_refine.aniso_B[3][3]                            ? 
_refine.aniso_B[1][2]                            ? 
_refine.aniso_B[1][3]                            ? 
_refine.aniso_B[2][3]                            ? 
_refine.solvent_model_details                    ? 
_refine.solvent_model_param_ksol                 ? 
_refine.solvent_model_param_bsol                 ? 
_refine.pdbx_ls_cross_valid_method               ? 
_refine.details                                  ? 
_refine.pdbx_starting_model                      ? 
_refine.pdbx_method_to_determine_struct          ? 
_refine.pdbx_isotropic_thermal_model             ? 
_refine.pdbx_stereochemistry_target_values       'Engh & Huber' 
_refine.pdbx_stereochem_target_val_spec_case     ? 
_refine.pdbx_R_Free_selection_details            RANDOM 
_refine.pdbx_overall_ESU_R_Free                  ? 
_refine.overall_SU_B                             ? 
_refine.ls_redundancy_reflns_obs                 ? 
_refine.B_iso_min                                ? 
_refine.B_iso_max                                ? 
_refine.overall_SU_ML                            ? 
_refine.pdbx_overall_ESU_R                       ? 
_refine.pdbx_data_cutoff_high_rms_absF           ? 
_refine.correlation_coeff_Fo_to_Fc               ? 
_refine.correlation_coeff_Fo_to_Fc_free          ? 
_refine.pdbx_solvent_vdw_probe_radii             ? 
_refine.pdbx_solvent_ion_probe_radii             ? 
_refine.pdbx_solvent_shrinkage_radii             ? 
_refine.overall_SU_R_Cruickshank_DPI             ? 
_refine.overall_SU_R_free                        ? 
_refine.pdbx_refine_id                           'X-RAY DIFFRACTION' 
_refine.pdbx_diffrn_id                           1 
_refine.pdbx_TLS_residual_ADP_flag               ? 
_refine.pdbx_overall_phase_error                 ? 
_refine.pdbx_overall_SU_R_free_Cruickshank_DPI   ? 
_refine.pdbx_overall_SU_R_Blow_DPI               ? 
_refine.pdbx_overall_SU_R_free_Blow_DPI          ? 
# 
_refine_hist.pdbx_refine_id                   'X-RAY DIFFRACTION' 
_refine_hist.cycle_id                         LAST 
_refine_hist.pdbx_number_atoms_protein        816 
_refine_hist.pdbx_number_atoms_nucleic_acid   0 
_refine_hist.pdbx_number_atoms_ligand         0 
_refine_hist.number_atoms_solvent             8 
_refine_hist.number_atoms_total               824 
_refine_hist.d_res_high                       2.8 
_refine_hist.d_res_low                        500 
# 
_struct.entry_id                  1F6L 
_struct.title                     'VARIABLE LIGHT CHAIN DIMER OF ANTI-FERRITIN ANTIBODY' 
_struct.pdbx_model_details        ? 
_struct.pdbx_CASP_flag            ? 
_struct.pdbx_model_type_details   ? 
# 
_struct_keywords.entry_id        1F6L 
_struct_keywords.pdbx_keywords   'IMMUNE SYSTEM' 
_struct_keywords.text            'immunoglobulin fold, variable light chain, dimer, anti-ferritin antibody, IMMUNE SYSTEM' 
# 
loop_
_struct_asym.id 
_struct_asym.pdbx_blank_PDB_chainid_flag 
_struct_asym.pdbx_modified 
_struct_asym.entity_id 
_struct_asym.details 
A N N 1 ? 
B N N 2 ? 
# 
_struct_ref.id                         1 
_struct_ref.db_code                    KV1H_HUMAN 
_struct_ref.db_name                    UNP 
_struct_ref.entity_id                  1 
_struct_ref.pdbx_db_accession          P01600 
_struct_ref.pdbx_align_begin           21 
_struct_ref.pdbx_seq_one_letter_code   
;DIQMTQSPASLSASVGETVTITCRASENIYSYLAWYQQKQGKSPQLLVYNAKTLAEGVPSRFSGSGSGTQFSLKINSLQP
EDFGSYYCQHHYGTPFTFGSGTKLEIKR
;
_struct_ref.pdbx_db_isoform            ? 
# 
_struct_ref_seq.align_id                      1 
_struct_ref_seq.ref_id                        1 
_struct_ref_seq.pdbx_PDB_id_code              1F6L 
_struct_ref_seq.pdbx_strand_id                L 
_struct_ref_seq.seq_align_beg                 1 
_struct_ref_seq.pdbx_seq_align_beg_ins_code   ? 
_struct_ref_seq.seq_align_end                 108 
_struct_ref_seq.pdbx_seq_align_end_ins_code   ? 
_struct_ref_seq.pdbx_db_accession             P01600 
_struct_ref_seq.db_align_beg                  21 
_struct_ref_seq.pdbx_db_align_beg_ins_code    ? 
_struct_ref_seq.db_align_end                  128 
_struct_ref_seq.pdbx_db_align_end_ins_code    ? 
_struct_ref_seq.pdbx_auth_seq_align_beg       1 
_struct_ref_seq.pdbx_auth_seq_align_end       108 
# 
loop_
_struct_ref_seq_dif.align_id 
_struct_ref_seq_dif.pdbx_pdb_id_code 
_struct_ref_seq_dif.mon_id 
_struct_ref_seq_dif.pdbx_pdb_strand_id 
_struct_ref_seq_dif.seq_num 
_struct_ref_seq_dif.pdbx_pdb_ins_code 
_struct_ref_seq_dif.pdbx_seq_db_name 
_struct_ref_seq_dif.pdbx_seq_db_accession_code 
_struct_ref_seq_dif.db_mon_id 
_struct_ref_seq_dif.pdbx_seq_db_seq_num 
_struct_ref_seq_dif.details 
_struct_ref_seq_dif.pdbx_auth_seq_num 
_struct_ref_seq_dif.pdbx_ordinal 
1 1F6L HIS L 109 ? UNP P01600 ? ? 'expression tag' 109 1 
1 1F6L HIS L 110 ? UNP P01600 ? ? 'expression tag' 110 2 
1 1F6L HIS L 111 ? UNP P01600 ? ? 'expression tag' 111 3 
1 1F6L HIS L 112 ? UNP P01600 ? ? 'expression tag' 112 4 
1 1F6L HIS L 113 ? UNP P01600 ? ? 'expression tag' 113 5 
1 1F6L HIS L 114 ? UNP P01600 ? ? 'expression tag' 114 6 
# 
_pdbx_struct_assembly.id                   1 
_pdbx_struct_assembly.details              author_defined_assembly 
_pdbx_struct_assembly.method_details       ? 
_pdbx_struct_assembly.oligomeric_details   dimeric 
_pdbx_struct_assembly.oligomeric_count     2 
# 
_pdbx_struct_assembly_gen.assembly_id       1 
_pdbx_struct_assembly_gen.oper_expression   1,2 
_pdbx_struct_assembly_gen.asym_id_list      A,B 
# 
loop_
_pdbx_struct_oper_list.id 
_pdbx_struct_oper_list.type 
_pdbx_struct_oper_list.name 
_pdbx_struct_oper_list.symmetry_operation 
_pdbx_struct_oper_list.matrix[1][1] 
_pdbx_struct_oper_list.matrix[1][2] 
_pdbx_struct_oper_list.matrix[1][3] 
_pdbx_struct_oper_list.vector[1] 
_pdbx_struct_oper_list.matrix[2][1] 
_pdbx_struct_oper_list.matrix[2][2] 
_pdbx_struct_oper_list.matrix[2][3] 
_pdbx_struct_oper_list.vector[2] 
_pdbx_struct_oper_list.matrix[3][1] 
_pdbx_struct_oper_list.matrix[3][2] 
_pdbx_struct_oper_list.matrix[3][3] 
_pdbx_struct_oper_list.vector[3] 
1 'identity operation'         1_555 x,y,z              1.0000000000 0.0000000000 0.0000000000  0.0000000000 0.0000000000 1.0000000000  0.0000000000  0.0000000000   0.0000000000  0.0000000000  1.0000000000  0.0000000000 
2 'crystal symmetry operation' 9_765 -x+2,-x+y+1,-z+2/3 0.2900997279 0.5845812338 -0.7576984420 9.6558127247 0.5845812338 -0.7351094559 -0.3433349225 -21.1467453361 -0.7576984420 -0.3433349225 -0.5549902720 0.1253412762 
# 
_struct_conf.conf_type_id            HELX_P 
_struct_conf.id                      HELX_P1 
_struct_conf.pdbx_PDB_helix_id       1 
_struct_conf.beg_label_comp_id       GLN 
_struct_conf.beg_label_asym_id       A 
_struct_conf.beg_label_seq_id        79 
_struct_conf.pdbx_beg_PDB_ins_code   ? 
_struct_conf.end_label_comp_id       PHE 
_struct_conf.end_label_asym_id       A 
_struct_conf.end_label_seq_id        83 
_struct_conf.pdbx_end_PDB_ins_code   ? 
_struct_conf.beg_auth_comp_id        GLN 
_struct_conf.beg_auth_asym_id        L 
_struct_conf.beg_auth_seq_id         79 
_struct_conf.end_auth_comp_id        PHE 
_struct_conf.end_auth_asym_id        L 
_struct_conf.end_auth_seq_id         83 
_struct_conf.pdbx_PDB_helix_class    5 
_struct_conf.details                 ? 
_struct_conf.pdbx_PDB_helix_length   5 
# 
_struct_conf_type.id          HELX_P 
_struct_conf_type.criteria    ? 
_struct_conf_type.reference   ? 
# 
_struct_conn.id                            disulf1 
_struct_conn.conn_type_id                  disulf 
_struct_conn.pdbx_leaving_atom_flag        ? 
_struct_conn.pdbx_PDB_id                   ? 
_struct_conn.ptnr1_label_asym_id           A 
_struct_conn.ptnr1_label_comp_id           CYS 
_struct_conn.ptnr1_label_seq_id            23 
_struct_conn.ptnr1_label_atom_id           SG 
_struct_conn.pdbx_ptnr1_label_alt_id       ? 
_struct_conn.pdbx_ptnr1_PDB_ins_code       ? 
_struct_conn.pdbx_ptnr1_standard_comp_id   ? 
_struct_conn.ptnr1_symmetry                1_555 
_struct_conn.ptnr2_label_asym_id           A 
_struct_conn.ptnr2_label_comp_id           CYS 
_struct_conn.ptnr2_label_seq_id            88 
_struct_conn.ptnr2_label_atom_id           SG 
_struct_conn.pdbx_ptnr2_label_alt_id       ? 
_struct_conn.pdbx_ptnr2_PDB_ins_code       ? 
_struct_conn.ptnr1_auth_asym_id            L 
_struct_conn.ptnr1_auth_comp_id            CYS 
_struct_conn.ptnr1_auth_seq_id             23 
_struct_conn.ptnr2_auth_asym_id            L 
_struct_conn.ptnr2_auth_comp_id            CYS 
_struct_conn.ptnr2_auth_seq_id             88 
_struct_conn.ptnr2_symmetry                1_555 
_struct_conn.pdbx_ptnr3_label_atom_id      ? 
_struct_conn.pdbx_ptnr3_label_seq_id       ? 
_struct_conn.pdbx_ptnr3_label_comp_id      ? 
_struct_conn.pdbx_ptnr3_label_asym_id      ? 
_struct_conn.pdbx_ptnr3_label_alt_id       ? 
_struct_conn.pdbx_ptnr3_PDB_ins_code       ? 
_struct_conn.details                       ? 
_struct_conn.pdbx_dist_value               2.017 
_struct_conn.pdbx_value_order              ? 
_struct_conn.pdbx_role                     ? 
# 
_struct_conn_type.id          disulf 
_struct_conn_type.criteria    ? 
_struct_conn_type.reference   ? 
# 
_pdbx_modification_feature.ordinal                            1 
_pdbx_modification_feature.label_comp_id                      CYS 
_pdbx_modification_feature.label_asym_id                      A 
_pdbx_modification_feature.label_seq_id                       23 
_pdbx_modification_feature.label_alt_id                       ? 
_pdbx_modification_feature.modified_residue_label_comp_id     CYS 
_pdbx_modification_feature.modified_residue_label_asym_id     A 
_pdbx_modification_feature.modified_residue_label_seq_id      88 
_pdbx_modification_feature.modified_residue_label_alt_id      ? 
_pdbx_modification_feature.auth_comp_id                       CYS 
_pdbx_modification_feature.auth_asym_id                       L 
_pdbx_modification_feature.auth_seq_id                        23 
_pdbx_modification_feature.PDB_ins_code                       ? 
_pdbx_modification_feature.symmetry                           1_555 
_pdbx_modification_feature.modified_residue_auth_comp_id      CYS 
_pdbx_modification_feature.modified_residue_auth_asym_id      L 
_pdbx_modification_feature.modified_residue_auth_seq_id       88 
_pdbx_modification_feature.modified_residue_PDB_ins_code      ? 
_pdbx_modification_feature.modified_residue_symmetry          1_555 
_pdbx_modification_feature.comp_id_linking_atom               SG 
_pdbx_modification_feature.modified_residue_id_linking_atom   SG 
_pdbx_modification_feature.modified_residue_id                . 
_pdbx_modification_feature.ref_pcm_id                         . 
_pdbx_modification_feature.ref_comp_id                        . 
_pdbx_modification_feature.type                               None 
_pdbx_modification_feature.category                           'Disulfide bridge' 
# 
loop_
_struct_mon_prot_cis.pdbx_id 
_struct_mon_prot_cis.label_comp_id 
_struct_mon_prot_cis.label_seq_id 
_struct_mon_prot_cis.label_asym_id 
_struct_mon_prot_cis.label_alt_id 
_struct_mon_prot_cis.pdbx_PDB_ins_code 
_struct_mon_prot_cis.auth_comp_id 
_struct_mon_prot_cis.auth_seq_id 
_struct_mon_prot_cis.auth_asym_id 
_struct_mon_prot_cis.pdbx_label_comp_id_2 
_struct_mon_prot_cis.pdbx_label_seq_id_2 
_struct_mon_prot_cis.pdbx_label_asym_id_2 
_struct_mon_prot_cis.pdbx_PDB_ins_code_2 
_struct_mon_prot_cis.pdbx_auth_comp_id_2 
_struct_mon_prot_cis.pdbx_auth_seq_id_2 
_struct_mon_prot_cis.pdbx_auth_asym_id_2 
_struct_mon_prot_cis.pdbx_PDB_model_num 
_struct_mon_prot_cis.pdbx_omega_angle 
1 SER 7  A . ? SER 7  L PRO 8  A ? PRO 8  L 1 0.21  
2 THR 94 A . ? THR 94 L PRO 95 A ? PRO 95 L 1 -0.05 
# 
loop_
_struct_sheet.id 
_struct_sheet.type 
_struct_sheet.number_strands 
_struct_sheet.details 
A ? 4 ? 
B ? 6 ? 
# 
loop_
_struct_sheet_order.sheet_id 
_struct_sheet_order.range_id_1 
_struct_sheet_order.range_id_2 
_struct_sheet_order.offset 
_struct_sheet_order.sense 
A 1 2 ? anti-parallel 
A 2 3 ? anti-parallel 
A 3 4 ? anti-parallel 
B 1 2 ? parallel      
B 2 3 ? anti-parallel 
B 3 4 ? anti-parallel 
B 4 5 ? anti-parallel 
B 5 6 ? anti-parallel 
# 
loop_
_struct_sheet_range.sheet_id 
_struct_sheet_range.id 
_struct_sheet_range.beg_label_comp_id 
_struct_sheet_range.beg_label_asym_id 
_struct_sheet_range.beg_label_seq_id 
_struct_sheet_range.pdbx_beg_PDB_ins_code 
_struct_sheet_range.end_label_comp_id 
_struct_sheet_range.end_label_asym_id 
_struct_sheet_range.end_label_seq_id 
_struct_sheet_range.pdbx_end_PDB_ins_code 
_struct_sheet_range.beg_auth_comp_id 
_struct_sheet_range.beg_auth_asym_id 
_struct_sheet_range.beg_auth_seq_id 
_struct_sheet_range.end_auth_comp_id 
_struct_sheet_range.end_auth_asym_id 
_struct_sheet_range.end_auth_seq_id 
A 1 MET A 4   ? SER A 7   ? MET L 4   SER L 7   
A 2 VAL A 19  ? ALA A 25  ? VAL L 19  ALA L 25  
A 3 GLN A 70  ? ILE A 75  ? GLN L 70  ILE L 75  
A 4 PHE A 62  ? SER A 67  ? PHE L 62  SER L 67  
B 1 SER A 10  ? SER A 12  ? SER L 10  SER L 12  
B 2 THR A 102 ? GLU A 105 ? THR L 102 GLU L 105 
B 3 GLY A 84  ? HIS A 90  ? GLY L 84  HIS L 90  
B 4 LEU A 33  ? GLN A 38  ? LEU L 33  GLN L 38  
B 5 GLN A 45  ? TYR A 49  ? GLN L 45  TYR L 49  
B 6 THR A 53  ? LEU A 54  ? THR L 53  LEU L 54  
# 
loop_
_pdbx_struct_sheet_hbond.sheet_id 
_pdbx_struct_sheet_hbond.range_id_1 
_pdbx_struct_sheet_hbond.range_id_2 
_pdbx_struct_sheet_hbond.range_1_label_atom_id 
_pdbx_struct_sheet_hbond.range_1_label_comp_id 
_pdbx_struct_sheet_hbond.range_1_label_asym_id 
_pdbx_struct_sheet_hbond.range_1_label_seq_id 
_pdbx_struct_sheet_hbond.range_1_PDB_ins_code 
_pdbx_struct_sheet_hbond.range_1_auth_atom_id 
_pdbx_struct_sheet_hbond.range_1_auth_comp_id 
_pdbx_struct_sheet_hbond.range_1_auth_asym_id 
_pdbx_struct_sheet_hbond.range_1_auth_seq_id 
_pdbx_struct_sheet_hbond.range_2_label_atom_id 
_pdbx_struct_sheet_hbond.range_2_label_comp_id 
_pdbx_struct_sheet_hbond.range_2_label_asym_id 
_pdbx_struct_sheet_hbond.range_2_label_seq_id 
_pdbx_struct_sheet_hbond.range_2_PDB_ins_code 
_pdbx_struct_sheet_hbond.range_2_auth_atom_id 
_pdbx_struct_sheet_hbond.range_2_auth_comp_id 
_pdbx_struct_sheet_hbond.range_2_auth_asym_id 
_pdbx_struct_sheet_hbond.range_2_auth_seq_id 
A 1 2 O SER A 7   ? O SER L 7   N THR A 22  ? N THR L 22  
A 2 3 N CYS A 23  ? N CYS L 23  O PHE A 71  ? O PHE L 71  
A 3 4 N LYS A 74  ? N LYS L 74  O SER A 63  ? O SER L 63  
B 1 2 N LEU A 11  ? N LEU L 11  O LYS A 103 ? O LYS L 103 
B 2 3 N LEU A 104 ? N LEU L 104 O GLY A 84  ? O GLY L 84  
B 3 4 O GLN A 89  ? O GLN L 89  N ALA A 34  ? N ALA L 34  
B 4 5 O GLN A 37  ? O GLN L 37  N GLN A 45  ? N GLN L 45  
B 5 6 O TYR A 49  ? O TYR L 49  N THR A 53  ? N THR L 53  
# 
_pdbx_entry_details.entry_id                   1F6L 
_pdbx_entry_details.compound_details           ? 
_pdbx_entry_details.source_details             ? 
_pdbx_entry_details.nonpolymer_details         ? 
_pdbx_entry_details.sequence_details           ? 
_pdbx_entry_details.has_ligand_of_interest     ? 
_pdbx_entry_details.has_protein_modification   Y 
# 
loop_
_pdbx_validate_torsion.id 
_pdbx_validate_torsion.PDB_model_num 
_pdbx_validate_torsion.auth_comp_id 
_pdbx_validate_torsion.auth_asym_id 
_pdbx_validate_torsion.auth_seq_id 
_pdbx_validate_torsion.PDB_ins_code 
_pdbx_validate_torsion.label_alt_id 
_pdbx_validate_torsion.phi 
_pdbx_validate_torsion.psi 
1 1 TYR L 30 ? ? 59.76   -104.53 
2 1 GLN L 40 ? ? 52.27   -127.00 
3 1 ALA L 51 ? ? 70.01   -45.83  
4 1 LYS L 52 ? ? -140.34 18.74   
5 1 PRO L 59 ? ? -42.68  151.60  
6 1 SER L 77 ? ? 40.87   77.89   
7 1 TYR L 92 ? ? -101.64 -98.78  
# 
loop_
_pdbx_unobs_or_zero_occ_residues.id 
_pdbx_unobs_or_zero_occ_residues.PDB_model_num 
_pdbx_unobs_or_zero_occ_residues.polymer_flag 
_pdbx_unobs_or_zero_occ_residues.occupancy_flag 
_pdbx_unobs_or_zero_occ_residues.auth_asym_id 
_pdbx_unobs_or_zero_occ_residues.auth_comp_id 
_pdbx_unobs_or_zero_occ_residues.auth_seq_id 
_pdbx_unobs_or_zero_occ_residues.PDB_ins_code 
_pdbx_unobs_or_zero_occ_residues.label_asym_id 
_pdbx_unobs_or_zero_occ_residues.label_comp_id 
_pdbx_unobs_or_zero_occ_residues.label_seq_id 
1 1 Y 1 L LYS 107 ? A LYS 107 
2 1 Y 1 L ARG 108 ? A ARG 108 
3 1 Y 1 L HIS 109 ? A HIS 109 
4 1 Y 1 L HIS 110 ? A HIS 110 
5 1 Y 1 L HIS 111 ? A HIS 111 
6 1 Y 1 L HIS 112 ? A HIS 112 
7 1 Y 1 L HIS 113 ? A HIS 113 
8 1 Y 1 L HIS 114 ? A HIS 114 
# 
loop_
_chem_comp_atom.comp_id 
_chem_comp_atom.atom_id 
_chem_comp_atom.type_symbol 
_chem_comp_atom.pdbx_aromatic_flag 
_chem_comp_atom.pdbx_stereo_config 
_chem_comp_atom.pdbx_ordinal 
ALA N    N N N 1   
ALA CA   C N S 2   
ALA C    C N N 3   
ALA O    O N N 4   
ALA CB   C N N 5   
ALA OXT  O N N 6   
ALA H    H N N 7   
ALA H2   H N N 8   
ALA HA   H N N 9   
ALA HB1  H N N 10  
ALA HB2  H N N 11  
ALA HB3  H N N 12  
ALA HXT  H N N 13  
ARG N    N N N 14  
ARG CA   C N S 15  
ARG C    C N N 16  
ARG O    O N N 17  
ARG CB   C N N 18  
ARG CG   C N N 19  
ARG CD   C N N 20  
ARG NE   N N N 21  
ARG CZ   C N N 22  
ARG NH1  N N N 23  
ARG NH2  N N N 24  
ARG OXT  O N N 25  
ARG H    H N N 26  
ARG H2   H N N 27  
ARG HA   H N N 28  
ARG HB2  H N N 29  
ARG HB3  H N N 30  
ARG HG2  H N N 31  
ARG HG3  H N N 32  
ARG HD2  H N N 33  
ARG HD3  H N N 34  
ARG HE   H N N 35  
ARG HH11 H N N 36  
ARG HH12 H N N 37  
ARG HH21 H N N 38  
ARG HH22 H N N 39  
ARG HXT  H N N 40  
ASN N    N N N 41  
ASN CA   C N S 42  
ASN C    C N N 43  
ASN O    O N N 44  
ASN CB   C N N 45  
ASN CG   C N N 46  
ASN OD1  O N N 47  
ASN ND2  N N N 48  
ASN OXT  O N N 49  
ASN H    H N N 50  
ASN H2   H N N 51  
ASN HA   H N N 52  
ASN HB2  H N N 53  
ASN HB3  H N N 54  
ASN HD21 H N N 55  
ASN HD22 H N N 56  
ASN HXT  H N N 57  
ASP N    N N N 58  
ASP CA   C N S 59  
ASP C    C N N 60  
ASP O    O N N 61  
ASP CB   C N N 62  
ASP CG   C N N 63  
ASP OD1  O N N 64  
ASP OD2  O N N 65  
ASP OXT  O N N 66  
ASP H    H N N 67  
ASP H2   H N N 68  
ASP HA   H N N 69  
ASP HB2  H N N 70  
ASP HB3  H N N 71  
ASP HD2  H N N 72  
ASP HXT  H N N 73  
CYS N    N N N 74  
CYS CA   C N R 75  
CYS C    C N N 76  
CYS O    O N N 77  
CYS CB   C N N 78  
CYS SG   S N N 79  
CYS OXT  O N N 80  
CYS H    H N N 81  
CYS H2   H N N 82  
CYS HA   H N N 83  
CYS HB2  H N N 84  
CYS HB3  H N N 85  
CYS HG   H N N 86  
CYS HXT  H N N 87  
GLN N    N N N 88  
GLN CA   C N S 89  
GLN C    C N N 90  
GLN O    O N N 91  
GLN CB   C N N 92  
GLN CG   C N N 93  
GLN CD   C N N 94  
GLN OE1  O N N 95  
GLN NE2  N N N 96  
GLN OXT  O N N 97  
GLN H    H N N 98  
GLN H2   H N N 99  
GLN HA   H N N 100 
GLN HB2  H N N 101 
GLN HB3  H N N 102 
GLN HG2  H N N 103 
GLN HG3  H N N 104 
GLN HE21 H N N 105 
GLN HE22 H N N 106 
GLN HXT  H N N 107 
GLU N    N N N 108 
GLU CA   C N S 109 
GLU C    C N N 110 
GLU O    O N N 111 
GLU CB   C N N 112 
GLU CG   C N N 113 
GLU CD   C N N 114 
GLU OE1  O N N 115 
GLU OE2  O N N 116 
GLU OXT  O N N 117 
GLU H    H N N 118 
GLU H2   H N N 119 
GLU HA   H N N 120 
GLU HB2  H N N 121 
GLU HB3  H N N 122 
GLU HG2  H N N 123 
GLU HG3  H N N 124 
GLU HE2  H N N 125 
GLU HXT  H N N 126 
GLY N    N N N 127 
GLY CA   C N N 128 
GLY C    C N N 129 
GLY O    O N N 130 
GLY OXT  O N N 131 
GLY H    H N N 132 
GLY H2   H N N 133 
GLY HA2  H N N 134 
GLY HA3  H N N 135 
GLY HXT  H N N 136 
HIS N    N N N 137 
HIS CA   C N S 138 
HIS C    C N N 139 
HIS O    O N N 140 
HIS CB   C N N 141 
HIS CG   C Y N 142 
HIS ND1  N Y N 143 
HIS CD2  C Y N 144 
HIS CE1  C Y N 145 
HIS NE2  N Y N 146 
HIS OXT  O N N 147 
HIS H    H N N 148 
HIS H2   H N N 149 
HIS HA   H N N 150 
HIS HB2  H N N 151 
HIS HB3  H N N 152 
HIS HD1  H N N 153 
HIS HD2  H N N 154 
HIS HE1  H N N 155 
HIS HE2  H N N 156 
HIS HXT  H N N 157 
HOH O    O N N 158 
HOH H1   H N N 159 
HOH H2   H N N 160 
ILE N    N N N 161 
ILE CA   C N S 162 
ILE C    C N N 163 
ILE O    O N N 164 
ILE CB   C N S 165 
ILE CG1  C N N 166 
ILE CG2  C N N 167 
ILE CD1  C N N 168 
ILE OXT  O N N 169 
ILE H    H N N 170 
ILE H2   H N N 171 
ILE HA   H N N 172 
ILE HB   H N N 173 
ILE HG12 H N N 174 
ILE HG13 H N N 175 
ILE HG21 H N N 176 
ILE HG22 H N N 177 
ILE HG23 H N N 178 
ILE HD11 H N N 179 
ILE HD12 H N N 180 
ILE HD13 H N N 181 
ILE HXT  H N N 182 
LEU N    N N N 183 
LEU CA   C N S 184 
LEU C    C N N 185 
LEU O    O N N 186 
LEU CB   C N N 187 
LEU CG   C N N 188 
LEU CD1  C N N 189 
LEU CD2  C N N 190 
LEU OXT  O N N 191 
LEU H    H N N 192 
LEU H2   H N N 193 
LEU HA   H N N 194 
LEU HB2  H N N 195 
LEU HB3  H N N 196 
LEU HG   H N N 197 
LEU HD11 H N N 198 
LEU HD12 H N N 199 
LEU HD13 H N N 200 
LEU HD21 H N N 201 
LEU HD22 H N N 202 
LEU HD23 H N N 203 
LEU HXT  H N N 204 
LYS N    N N N 205 
LYS CA   C N S 206 
LYS C    C N N 207 
LYS O    O N N 208 
LYS CB   C N N 209 
LYS CG   C N N 210 
LYS CD   C N N 211 
LYS CE   C N N 212 
LYS NZ   N N N 213 
LYS OXT  O N N 214 
LYS H    H N N 215 
LYS H2   H N N 216 
LYS HA   H N N 217 
LYS HB2  H N N 218 
LYS HB3  H N N 219 
LYS HG2  H N N 220 
LYS HG3  H N N 221 
LYS HD2  H N N 222 
LYS HD3  H N N 223 
LYS HE2  H N N 224 
LYS HE3  H N N 225 
LYS HZ1  H N N 226 
LYS HZ2  H N N 227 
LYS HZ3  H N N 228 
LYS HXT  H N N 229 
MET N    N N N 230 
MET CA   C N S 231 
MET C    C N N 232 
MET O    O N N 233 
MET CB   C N N 234 
MET CG   C N N 235 
MET SD   S N N 236 
MET CE   C N N 237 
MET OXT  O N N 238 
MET H    H N N 239 
MET H2   H N N 240 
MET HA   H N N 241 
MET HB2  H N N 242 
MET HB3  H N N 243 
MET HG2  H N N 244 
MET HG3  H N N 245 
MET HE1  H N N 246 
MET HE2  H N N 247 
MET HE3  H N N 248 
MET HXT  H N N 249 
PHE N    N N N 250 
PHE CA   C N S 251 
PHE C    C N N 252 
PHE O    O N N 253 
PHE CB   C N N 254 
PHE CG   C Y N 255 
PHE CD1  C Y N 256 
PHE CD2  C Y N 257 
PHE CE1  C Y N 258 
PHE CE2  C Y N 259 
PHE CZ   C Y N 260 
PHE OXT  O N N 261 
PHE H    H N N 262 
PHE H2   H N N 263 
PHE HA   H N N 264 
PHE HB2  H N N 265 
PHE HB3  H N N 266 
PHE HD1  H N N 267 
PHE HD2  H N N 268 
PHE HE1  H N N 269 
PHE HE2  H N N 270 
PHE HZ   H N N 271 
PHE HXT  H N N 272 
PRO N    N N N 273 
PRO CA   C N S 274 
PRO C    C N N 275 
PRO O    O N N 276 
PRO CB   C N N 277 
PRO CG   C N N 278 
PRO CD   C N N 279 
PRO OXT  O N N 280 
PRO H    H N N 281 
PRO HA   H N N 282 
PRO HB2  H N N 283 
PRO HB3  H N N 284 
PRO HG2  H N N 285 
PRO HG3  H N N 286 
PRO HD2  H N N 287 
PRO HD3  H N N 288 
PRO HXT  H N N 289 
SER N    N N N 290 
SER CA   C N S 291 
SER C    C N N 292 
SER O    O N N 293 
SER CB   C N N 294 
SER OG   O N N 295 
SER OXT  O N N 296 
SER H    H N N 297 
SER H2   H N N 298 
SER HA   H N N 299 
SER HB2  H N N 300 
SER HB3  H N N 301 
SER HG   H N N 302 
SER HXT  H N N 303 
THR N    N N N 304 
THR CA   C N S 305 
THR C    C N N 306 
THR O    O N N 307 
THR CB   C N R 308 
THR OG1  O N N 309 
THR CG2  C N N 310 
THR OXT  O N N 311 
THR H    H N N 312 
THR H2   H N N 313 
THR HA   H N N 314 
THR HB   H N N 315 
THR HG1  H N N 316 
THR HG21 H N N 317 
THR HG22 H N N 318 
THR HG23 H N N 319 
THR HXT  H N N 320 
TRP N    N N N 321 
TRP CA   C N S 322 
TRP C    C N N 323 
TRP O    O N N 324 
TRP CB   C N N 325 
TRP CG   C Y N 326 
TRP CD1  C Y N 327 
TRP CD2  C Y N 328 
TRP NE1  N Y N 329 
TRP CE2  C Y N 330 
TRP CE3  C Y N 331 
TRP CZ2  C Y N 332 
TRP CZ3  C Y N 333 
TRP CH2  C Y N 334 
TRP OXT  O N N 335 
TRP H    H N N 336 
TRP H2   H N N 337 
TRP HA   H N N 338 
TRP HB2  H N N 339 
TRP HB3  H N N 340 
TRP HD1  H N N 341 
TRP HE1  H N N 342 
TRP HE3  H N N 343 
TRP HZ2  H N N 344 
TRP HZ3  H N N 345 
TRP HH2  H N N 346 
TRP HXT  H N N 347 
TYR N    N N N 348 
TYR CA   C N S 349 
TYR C    C N N 350 
TYR O    O N N 351 
TYR CB   C N N 352 
TYR CG   C Y N 353 
TYR CD1  C Y N 354 
TYR CD2  C Y N 355 
TYR CE1  C Y N 356 
TYR CE2  C Y N 357 
TYR CZ   C Y N 358 
TYR OH   O N N 359 
TYR OXT  O N N 360 
TYR H    H N N 361 
TYR H2   H N N 362 
TYR HA   H N N 363 
TYR HB2  H N N 364 
TYR HB3  H N N 365 
TYR HD1  H N N 366 
TYR HD2  H N N 367 
TYR HE1  H N N 368 
TYR HE2  H N N 369 
TYR HH   H N N 370 
TYR HXT  H N N 371 
VAL N    N N N 372 
VAL CA   C N S 373 
VAL C    C N N 374 
VAL O    O N N 375 
VAL CB   C N N 376 
VAL CG1  C N N 377 
VAL CG2  C N N 378 
VAL OXT  O N N 379 
VAL H    H N N 380 
VAL H2   H N N 381 
VAL HA   H N N 382 
VAL HB   H N N 383 
VAL HG11 H N N 384 
VAL HG12 H N N 385 
VAL HG13 H N N 386 
VAL HG21 H N N 387 
VAL HG22 H N N 388 
VAL HG23 H N N 389 
VAL HXT  H N N 390 
# 
loop_
_chem_comp_bond.comp_id 
_chem_comp_bond.atom_id_1 
_chem_comp_bond.atom_id_2 
_chem_comp_bond.value_order 
_chem_comp_bond.pdbx_aromatic_flag 
_chem_comp_bond.pdbx_stereo_config 
_chem_comp_bond.pdbx_ordinal 
ALA N   CA   sing N N 1   
ALA N   H    sing N N 2   
ALA N   H2   sing N N 3   
ALA CA  C    sing N N 4   
ALA CA  CB   sing N N 5   
ALA CA  HA   sing N N 6   
ALA C   O    doub N N 7   
ALA C   OXT  sing N N 8   
ALA CB  HB1  sing N N 9   
ALA CB  HB2  sing N N 10  
ALA CB  HB3  sing N N 11  
ALA OXT HXT  sing N N 12  
ARG N   CA   sing N N 13  
ARG N   H    sing N N 14  
ARG N   H2   sing N N 15  
ARG CA  C    sing N N 16  
ARG CA  CB   sing N N 17  
ARG CA  HA   sing N N 18  
ARG C   O    doub N N 19  
ARG C   OXT  sing N N 20  
ARG CB  CG   sing N N 21  
ARG CB  HB2  sing N N 22  
ARG CB  HB3  sing N N 23  
ARG CG  CD   sing N N 24  
ARG CG  HG2  sing N N 25  
ARG CG  HG3  sing N N 26  
ARG CD  NE   sing N N 27  
ARG CD  HD2  sing N N 28  
ARG CD  HD3  sing N N 29  
ARG NE  CZ   sing N N 30  
ARG NE  HE   sing N N 31  
ARG CZ  NH1  sing N N 32  
ARG CZ  NH2  doub N N 33  
ARG NH1 HH11 sing N N 34  
ARG NH1 HH12 sing N N 35  
ARG NH2 HH21 sing N N 36  
ARG NH2 HH22 sing N N 37  
ARG OXT HXT  sing N N 38  
ASN N   CA   sing N N 39  
ASN N   H    sing N N 40  
ASN N   H2   sing N N 41  
ASN CA  C    sing N N 42  
ASN CA  CB   sing N N 43  
ASN CA  HA   sing N N 44  
ASN C   O    doub N N 45  
ASN C   OXT  sing N N 46  
ASN CB  CG   sing N N 47  
ASN CB  HB2  sing N N 48  
ASN CB  HB3  sing N N 49  
ASN CG  OD1  doub N N 50  
ASN CG  ND2  sing N N 51  
ASN ND2 HD21 sing N N 52  
ASN ND2 HD22 sing N N 53  
ASN OXT HXT  sing N N 54  
ASP N   CA   sing N N 55  
ASP N   H    sing N N 56  
ASP N   H2   sing N N 57  
ASP CA  C    sing N N 58  
ASP CA  CB   sing N N 59  
ASP CA  HA   sing N N 60  
ASP C   O    doub N N 61  
ASP C   OXT  sing N N 62  
ASP CB  CG   sing N N 63  
ASP CB  HB2  sing N N 64  
ASP CB  HB3  sing N N 65  
ASP CG  OD1  doub N N 66  
ASP CG  OD2  sing N N 67  
ASP OD2 HD2  sing N N 68  
ASP OXT HXT  sing N N 69  
CYS N   CA   sing N N 70  
CYS N   H    sing N N 71  
CYS N   H2   sing N N 72  
CYS CA  C    sing N N 73  
CYS CA  CB   sing N N 74  
CYS CA  HA   sing N N 75  
CYS C   O    doub N N 76  
CYS C   OXT  sing N N 77  
CYS CB  SG   sing N N 78  
CYS CB  HB2  sing N N 79  
CYS CB  HB3  sing N N 80  
CYS SG  HG   sing N N 81  
CYS OXT HXT  sing N N 82  
GLN N   CA   sing N N 83  
GLN N   H    sing N N 84  
GLN N   H2   sing N N 85  
GLN CA  C    sing N N 86  
GLN CA  CB   sing N N 87  
GLN CA  HA   sing N N 88  
GLN C   O    doub N N 89  
GLN C   OXT  sing N N 90  
GLN CB  CG   sing N N 91  
GLN CB  HB2  sing N N 92  
GLN CB  HB3  sing N N 93  
GLN CG  CD   sing N N 94  
GLN CG  HG2  sing N N 95  
GLN CG  HG3  sing N N 96  
GLN CD  OE1  doub N N 97  
GLN CD  NE2  sing N N 98  
GLN NE2 HE21 sing N N 99  
GLN NE2 HE22 sing N N 100 
GLN OXT HXT  sing N N 101 
GLU N   CA   sing N N 102 
GLU N   H    sing N N 103 
GLU N   H2   sing N N 104 
GLU CA  C    sing N N 105 
GLU CA  CB   sing N N 106 
GLU CA  HA   sing N N 107 
GLU C   O    doub N N 108 
GLU C   OXT  sing N N 109 
GLU CB  CG   sing N N 110 
GLU CB  HB2  sing N N 111 
GLU CB  HB3  sing N N 112 
GLU CG  CD   sing N N 113 
GLU CG  HG2  sing N N 114 
GLU CG  HG3  sing N N 115 
GLU CD  OE1  doub N N 116 
GLU CD  OE2  sing N N 117 
GLU OE2 HE2  sing N N 118 
GLU OXT HXT  sing N N 119 
GLY N   CA   sing N N 120 
GLY N   H    sing N N 121 
GLY N   H2   sing N N 122 
GLY CA  C    sing N N 123 
GLY CA  HA2  sing N N 124 
GLY CA  HA3  sing N N 125 
GLY C   O    doub N N 126 
GLY C   OXT  sing N N 127 
GLY OXT HXT  sing N N 128 
HIS N   CA   sing N N 129 
HIS N   H    sing N N 130 
HIS N   H2   sing N N 131 
HIS CA  C    sing N N 132 
HIS CA  CB   sing N N 133 
HIS CA  HA   sing N N 134 
HIS C   O    doub N N 135 
HIS C   OXT  sing N N 136 
HIS CB  CG   sing N N 137 
HIS CB  HB2  sing N N 138 
HIS CB  HB3  sing N N 139 
HIS CG  ND1  sing Y N 140 
HIS CG  CD2  doub Y N 141 
HIS ND1 CE1  doub Y N 142 
HIS ND1 HD1  sing N N 143 
HIS CD2 NE2  sing Y N 144 
HIS CD2 HD2  sing N N 145 
HIS CE1 NE2  sing Y N 146 
HIS CE1 HE1  sing N N 147 
HIS NE2 HE2  sing N N 148 
HIS OXT HXT  sing N N 149 
HOH O   H1   sing N N 150 
HOH O   H2   sing N N 151 
ILE N   CA   sing N N 152 
ILE N   H    sing N N 153 
ILE N   H2   sing N N 154 
ILE CA  C    sing N N 155 
ILE CA  CB   sing N N 156 
ILE CA  HA   sing N N 157 
ILE C   O    doub N N 158 
ILE C   OXT  sing N N 159 
ILE CB  CG1  sing N N 160 
ILE CB  CG2  sing N N 161 
ILE CB  HB   sing N N 162 
ILE CG1 CD1  sing N N 163 
ILE CG1 HG12 sing N N 164 
ILE CG1 HG13 sing N N 165 
ILE CG2 HG21 sing N N 166 
ILE CG2 HG22 sing N N 167 
ILE CG2 HG23 sing N N 168 
ILE CD1 HD11 sing N N 169 
ILE CD1 HD12 sing N N 170 
ILE CD1 HD13 sing N N 171 
ILE OXT HXT  sing N N 172 
LEU N   CA   sing N N 173 
LEU N   H    sing N N 174 
LEU N   H2   sing N N 175 
LEU CA  C    sing N N 176 
LEU CA  CB   sing N N 177 
LEU CA  HA   sing N N 178 
LEU C   O    doub N N 179 
LEU C   OXT  sing N N 180 
LEU CB  CG   sing N N 181 
LEU CB  HB2  sing N N 182 
LEU CB  HB3  sing N N 183 
LEU CG  CD1  sing N N 184 
LEU CG  CD2  sing N N 185 
LEU CG  HG   sing N N 186 
LEU CD1 HD11 sing N N 187 
LEU CD1 HD12 sing N N 188 
LEU CD1 HD13 sing N N 189 
LEU CD2 HD21 sing N N 190 
LEU CD2 HD22 sing N N 191 
LEU CD2 HD23 sing N N 192 
LEU OXT HXT  sing N N 193 
LYS N   CA   sing N N 194 
LYS N   H    sing N N 195 
LYS N   H2   sing N N 196 
LYS CA  C    sing N N 197 
LYS CA  CB   sing N N 198 
LYS CA  HA   sing N N 199 
LYS C   O    doub N N 200 
LYS C   OXT  sing N N 201 
LYS CB  CG   sing N N 202 
LYS CB  HB2  sing N N 203 
LYS CB  HB3  sing N N 204 
LYS CG  CD   sing N N 205 
LYS CG  HG2  sing N N 206 
LYS CG  HG3  sing N N 207 
LYS CD  CE   sing N N 208 
LYS CD  HD2  sing N N 209 
LYS CD  HD3  sing N N 210 
LYS CE  NZ   sing N N 211 
LYS CE  HE2  sing N N 212 
LYS CE  HE3  sing N N 213 
LYS NZ  HZ1  sing N N 214 
LYS NZ  HZ2  sing N N 215 
LYS NZ  HZ3  sing N N 216 
LYS OXT HXT  sing N N 217 
MET N   CA   sing N N 218 
MET N   H    sing N N 219 
MET N   H2   sing N N 220 
MET CA  C    sing N N 221 
MET CA  CB   sing N N 222 
MET CA  HA   sing N N 223 
MET C   O    doub N N 224 
MET C   OXT  sing N N 225 
MET CB  CG   sing N N 226 
MET CB  HB2  sing N N 227 
MET CB  HB3  sing N N 228 
MET CG  SD   sing N N 229 
MET CG  HG2  sing N N 230 
MET CG  HG3  sing N N 231 
MET SD  CE   sing N N 232 
MET CE  HE1  sing N N 233 
MET CE  HE2  sing N N 234 
MET CE  HE3  sing N N 235 
MET OXT HXT  sing N N 236 
PHE N   CA   sing N N 237 
PHE N   H    sing N N 238 
PHE N   H2   sing N N 239 
PHE CA  C    sing N N 240 
PHE CA  CB   sing N N 241 
PHE CA  HA   sing N N 242 
PHE C   O    doub N N 243 
PHE C   OXT  sing N N 244 
PHE CB  CG   sing N N 245 
PHE CB  HB2  sing N N 246 
PHE CB  HB3  sing N N 247 
PHE CG  CD1  doub Y N 248 
PHE CG  CD2  sing Y N 249 
PHE CD1 CE1  sing Y N 250 
PHE CD1 HD1  sing N N 251 
PHE CD2 CE2  doub Y N 252 
PHE CD2 HD2  sing N N 253 
PHE CE1 CZ   doub Y N 254 
PHE CE1 HE1  sing N N 255 
PHE CE2 CZ   sing Y N 256 
PHE CE2 HE2  sing N N 257 
PHE CZ  HZ   sing N N 258 
PHE OXT HXT  sing N N 259 
PRO N   CA   sing N N 260 
PRO N   CD   sing N N 261 
PRO N   H    sing N N 262 
PRO CA  C    sing N N 263 
PRO CA  CB   sing N N 264 
PRO CA  HA   sing N N 265 
PRO C   O    doub N N 266 
PRO C   OXT  sing N N 267 
PRO CB  CG   sing N N 268 
PRO CB  HB2  sing N N 269 
PRO CB  HB3  sing N N 270 
PRO CG  CD   sing N N 271 
PRO CG  HG2  sing N N 272 
PRO CG  HG3  sing N N 273 
PRO CD  HD2  sing N N 274 
PRO CD  HD3  sing N N 275 
PRO OXT HXT  sing N N 276 
SER N   CA   sing N N 277 
SER N   H    sing N N 278 
SER N   H2   sing N N 279 
SER CA  C    sing N N 280 
SER CA  CB   sing N N 281 
SER CA  HA   sing N N 282 
SER C   O    doub N N 283 
SER C   OXT  sing N N 284 
SER CB  OG   sing N N 285 
SER CB  HB2  sing N N 286 
SER CB  HB3  sing N N 287 
SER OG  HG   sing N N 288 
SER OXT HXT  sing N N 289 
THR N   CA   sing N N 290 
THR N   H    sing N N 291 
THR N   H2   sing N N 292 
THR CA  C    sing N N 293 
THR CA  CB   sing N N 294 
THR CA  HA   sing N N 295 
THR C   O    doub N N 296 
THR C   OXT  sing N N 297 
THR CB  OG1  sing N N 298 
THR CB  CG2  sing N N 299 
THR CB  HB   sing N N 300 
THR OG1 HG1  sing N N 301 
THR CG2 HG21 sing N N 302 
THR CG2 HG22 sing N N 303 
THR CG2 HG23 sing N N 304 
THR OXT HXT  sing N N 305 
TRP N   CA   sing N N 306 
TRP N   H    sing N N 307 
TRP N   H2   sing N N 308 
TRP CA  C    sing N N 309 
TRP CA  CB   sing N N 310 
TRP CA  HA   sing N N 311 
TRP C   O    doub N N 312 
TRP C   OXT  sing N N 313 
TRP CB  CG   sing N N 314 
TRP CB  HB2  sing N N 315 
TRP CB  HB3  sing N N 316 
TRP CG  CD1  doub Y N 317 
TRP CG  CD2  sing Y N 318 
TRP CD1 NE1  sing Y N 319 
TRP CD1 HD1  sing N N 320 
TRP CD2 CE2  doub Y N 321 
TRP CD2 CE3  sing Y N 322 
TRP NE1 CE2  sing Y N 323 
TRP NE1 HE1  sing N N 324 
TRP CE2 CZ2  sing Y N 325 
TRP CE3 CZ3  doub Y N 326 
TRP CE3 HE3  sing N N 327 
TRP CZ2 CH2  doub Y N 328 
TRP CZ2 HZ2  sing N N 329 
TRP CZ3 CH2  sing Y N 330 
TRP CZ3 HZ3  sing N N 331 
TRP CH2 HH2  sing N N 332 
TRP OXT HXT  sing N N 333 
TYR N   CA   sing N N 334 
TYR N   H    sing N N 335 
TYR N   H2   sing N N 336 
TYR CA  C    sing N N 337 
TYR CA  CB   sing N N 338 
TYR CA  HA   sing N N 339 
TYR C   O    doub N N 340 
TYR C   OXT  sing N N 341 
TYR CB  CG   sing N N 342 
TYR CB  HB2  sing N N 343 
TYR CB  HB3  sing N N 344 
TYR CG  CD1  doub Y N 345 
TYR CG  CD2  sing Y N 346 
TYR CD1 CE1  sing Y N 347 
TYR CD1 HD1  sing N N 348 
TYR CD2 CE2  doub Y N 349 
TYR CD2 HD2  sing N N 350 
TYR CE1 CZ   doub Y N 351 
TYR CE1 HE1  sing N N 352 
TYR CE2 CZ   sing Y N 353 
TYR CE2 HE2  sing N N 354 
TYR CZ  OH   sing N N 355 
TYR OH  HH   sing N N 356 
TYR OXT HXT  sing N N 357 
VAL N   CA   sing N N 358 
VAL N   H    sing N N 359 
VAL N   H2   sing N N 360 
VAL CA  C    sing N N 361 
VAL CA  CB   sing N N 362 
VAL CA  HA   sing N N 363 
VAL C   O    doub N N 364 
VAL C   OXT  sing N N 365 
VAL CB  CG1  sing N N 366 
VAL CB  CG2  sing N N 367 
VAL CB  HB   sing N N 368 
VAL CG1 HG11 sing N N 369 
VAL CG1 HG12 sing N N 370 
VAL CG1 HG13 sing N N 371 
VAL CG2 HG21 sing N N 372 
VAL CG2 HG22 sing N N 373 
VAL CG2 HG23 sing N N 374 
VAL OXT HXT  sing N N 375 
# 
_atom_sites.entry_id                    1F6L 
_atom_sites.fract_transf_matrix[1][1]   -0.01317417 
_atom_sites.fract_transf_matrix[1][2]   0.01105570 
_atom_sites.fract_transf_matrix[1][3]   -0.01390213 
_atom_sites.fract_transf_matrix[2][1]   -0.02196939 
_atom_sites.fract_transf_matrix[2][2]   -0.00144217 
_atom_sites.fract_transf_matrix[2][3]   0.00208305 
_atom_sites.fract_transf_matrix[3][1]   0.00004461 
_atom_sites.fract_transf_matrix[3][2]   0.00498180 
_atom_sites.fract_transf_matrix[3][3]   0.00391952 
_atom_sites.fract_transf_vector[1]      1.181367 
_atom_sites.fract_transf_vector[2]      0.434378 
_atom_sites.fract_transf_vector[3]      0.385539 
# 
loop_
_atom_type.symbol 
C 
N 
O 
S 
# 
loop_
_atom_site.group_PDB 
_atom_site.id 
_atom_site.type_symbol 
_atom_site.label_atom_id 
_atom_site.label_alt_id 
_atom_site.label_comp_id 
_atom_site.label_asym_id 
_atom_site.label_entity_id 
_atom_site.label_seq_id 
_atom_site.pdbx_PDB_ins_code 
_atom_site.Cartn_x 
_atom_site.Cartn_y 
_atom_site.Cartn_z 
_atom_site.occupancy 
_atom_site.B_iso_or_equiv 
_atom_site.pdbx_formal_charge 
_atom_site.auth_seq_id 
_atom_site.auth_comp_id 
_atom_site.auth_asym_id 
_atom_site.auth_atom_id 
_atom_site.pdbx_PDB_model_num 
ATOM   1   N N   . ASP A 1 1   ? -9.550  5.516   -16.967 1.00 86.97  ? 1   ASP L N   1 
ATOM   2   C CA  . ASP A 1 1   ? -10.184 4.206   -16.628 1.00 86.94  ? 1   ASP L CA  1 
ATOM   3   C C   . ASP A 1 1   ? -9.124  3.117   -16.471 1.00 86.31  ? 1   ASP L C   1 
ATOM   4   O O   . ASP A 1 1   ? -8.859  2.344   -17.392 1.00 86.62  ? 1   ASP L O   1 
ATOM   5   C CB  . ASP A 1 1   ? -11.188 3.819   -17.716 1.00 100.00 ? 1   ASP L CB  1 
ATOM   6   C CG  . ASP A 1 1   ? -11.886 2.511   -17.422 1.00 100.00 ? 1   ASP L CG  1 
ATOM   7   O OD1 . ASP A 1 1   ? -11.261 1.447   -17.610 1.00 100.00 ? 1   ASP L OD1 1 
ATOM   8   O OD2 . ASP A 1 1   ? -13.058 2.550   -16.992 1.00 100.00 ? 1   ASP L OD2 1 
ATOM   9   N N   . ILE A 1 2   ? -8.534  3.064   -15.282 1.00 44.60  ? 2   ILE L N   1 
ATOM   10  C CA  . ILE A 1 2   ? -7.481  2.112   -14.963 1.00 43.39  ? 2   ILE L CA  1 
ATOM   11  C C   . ILE A 1 2   ? -7.883  1.131   -13.864 1.00 42.74  ? 2   ILE L C   1 
ATOM   12  O O   . ILE A 1 2   ? -8.454  1.523   -12.853 1.00 42.84  ? 2   ILE L O   1 
ATOM   13  C CB  . ILE A 1 2   ? -6.212  2.863   -14.525 1.00 33.23  ? 2   ILE L CB  1 
ATOM   14  C CG1 . ILE A 1 2   ? -5.723  3.743   -15.677 1.00 32.96  ? 2   ILE L CG1 1 
ATOM   15  C CG2 . ILE A 1 2   ? -5.142  1.881   -14.093 1.00 33.23  ? 2   ILE L CG2 1 
ATOM   16  C CD1 . ILE A 1 2   ? -4.489  4.556   -15.367 1.00 32.66  ? 2   ILE L CD1 1 
ATOM   17  N N   . GLN A 1 3   ? -7.558  -0.142  -14.076 1.00 41.52  ? 3   GLN L N   1 
ATOM   18  C CA  . GLN A 1 3   ? -7.866  -1.232  -13.151 1.00 40.72  ? 3   GLN L CA  1 
ATOM   19  C C   . GLN A 1 3   ? -6.691  -1.557  -12.222 1.00 39.80  ? 3   GLN L C   1 
ATOM   20  O O   . GLN A 1 3   ? -5.620  -1.947  -12.676 1.00 39.79  ? 3   GLN L O   1 
ATOM   21  C CB  . GLN A 1 3   ? -8.250  -2.474  -13.963 1.00 98.12  ? 3   GLN L CB  1 
ATOM   22  C CG  . GLN A 1 3   ? -8.180  -3.801  -13.219 1.00 99.75  ? 3   GLN L CG  1 
ATOM   23  C CD  . GLN A 1 3   ? -8.144  -5.003  -14.169 1.00 99.90  ? 3   GLN L CD  1 
ATOM   24  O OE1 . GLN A 1 3   ? -9.082  -5.236  -14.935 1.00 99.90  ? 3   GLN L OE1 1 
ATOM   25  N NE2 . GLN A 1 3   ? -7.052  -5.765  -14.123 1.00 99.90  ? 3   GLN L NE2 1 
ATOM   26  N N   . MET A 1 4   ? -6.893  -1.389  -10.918 1.00 39.99  ? 4   MET L N   1 
ATOM   27  C CA  . MET A 1 4   ? -5.855  -1.687  -9.932  1.00 38.85  ? 4   MET L CA  1 
ATOM   28  C C   . MET A 1 4   ? -6.088  -3.067  -9.307  1.00 38.36  ? 4   MET L C   1 
ATOM   29  O O   . MET A 1 4   ? -7.187  -3.361  -8.834  1.00 38.67  ? 4   MET L O   1 
ATOM   30  C CB  . MET A 1 4   ? -5.854  -0.629  -8.825  1.00 45.72  ? 4   MET L CB  1 
ATOM   31  C CG  . MET A 1 4   ? -5.372  0.732   -9.266  1.00 45.35  ? 4   MET L CG  1 
ATOM   32  S SD  . MET A 1 4   ? -3.728  0.654   -10.001 1.00 44.26  ? 4   MET L SD  1 
ATOM   33  C CE  . MET A 1 4   ? -2.708  0.441   -8.576  1.00 44.18  ? 4   MET L CE  1 
ATOM   34  N N   . THR A 1 5   ? -5.061  -3.911  -9.304  1.00 28.57  ? 5   THR L N   1 
ATOM   35  C CA  . THR A 1 5   ? -5.180  -5.248  -8.718  1.00 27.40  ? 5   THR L CA  1 
ATOM   36  C C   . THR A 1 5   ? -4.192  -5.446  -7.577  1.00 26.45  ? 5   THR L C   1 
ATOM   37  O O   . THR A 1 5   ? -2.992  -5.609  -7.788  1.00 26.37  ? 5   THR L O   1 
ATOM   38  C CB  . THR A 1 5   ? -4.955  -6.343  -9.756  1.00 29.56  ? 5   THR L CB  1 
ATOM   39  O OG1 . THR A 1 5   ? -6.039  -6.331  -10.692 1.00 29.52  ? 5   THR L OG1 1 
ATOM   40  C CG2 . THR A 1 5   ? -4.882  -7.706  -9.079  1.00 29.42  ? 5   THR L CG2 1 
ATOM   41  N N   . GLN A 1 6   ? -4.724  -5.432  -6.362  1.00 30.28  ? 6   GLN L N   1 
ATOM   42  C CA  . GLN A 1 6   ? -3.938  -5.576  -5.153  1.00 29.61  ? 6   GLN L CA  1 
ATOM   43  C C   . GLN A 1 6   ? -3.935  -7.030  -4.672  1.00 29.58  ? 6   GLN L C   1 
ATOM   44  O O   . GLN A 1 6   ? -4.844  -7.796  -4.982  1.00 29.66  ? 6   GLN L O   1 
ATOM   45  C CB  . GLN A 1 6   ? -4.534  -4.652  -4.095  1.00 28.48  ? 6   GLN L CB  1 
ATOM   46  C CG  . GLN A 1 6   ? -3.803  -4.629  -2.789  1.00 27.30  ? 6   GLN L CG  1 
ATOM   47  C CD  . GLN A 1 6   ? -4.195  -3.446  -1.932  1.00 27.08  ? 6   GLN L CD  1 
ATOM   48  O OE1 . GLN A 1 6   ? -5.046  -2.650  -2.319  1.00 27.39  ? 6   GLN L OE1 1 
ATOM   49  N NE2 . GLN A 1 6   ? -3.585  -3.327  -0.762  1.00 27.55  ? 6   GLN L NE2 1 
ATOM   50  N N   . SER A 1 7   ? -2.899  -7.420  -3.942  1.00 32.09  ? 7   SER L N   1 
ATOM   51  C CA  . SER A 1 7   ? -2.823  -8.777  -3.412  1.00 31.94  ? 7   SER L CA  1 
ATOM   52  C C   . SER A 1 7   ? -1.649  -8.899  -2.446  1.00 32.02  ? 7   SER L C   1 
ATOM   53  O O   . SER A 1 7   ? -0.635  -8.216  -2.590  1.00 31.78  ? 7   SER L O   1 
ATOM   54  C CB  . SER A 1 7   ? -2.685  -9.811  -4.534  1.00 32.12  ? 7   SER L CB  1 
ATOM   55  O OG  . SER A 1 7   ? -1.353  -9.893  -4.991  1.00 32.35  ? 7   SER L OG  1 
ATOM   56  N N   . PRO A 1 8   ? -1.761  -9.807  -1.466  1.00 18.59  ? 8   PRO L N   1 
ATOM   57  C CA  . PRO A 1 8   ? -2.909  -10.689 -1.249  1.00 18.58  ? 8   PRO L CA  1 
ATOM   58  C C   . PRO A 1 8   ? -4.097  -9.966  -0.636  1.00 18.71  ? 8   PRO L C   1 
ATOM   59  O O   . PRO A 1 8   ? -3.994  -8.803  -0.257  1.00 18.98  ? 8   PRO L O   1 
ATOM   60  C CB  . PRO A 1 8   ? -2.346  -11.726 -0.304  1.00 13.70  ? 8   PRO L CB  1 
ATOM   61  C CG  . PRO A 1 8   ? -1.493  -10.872 0.583   1.00 13.73  ? 8   PRO L CG  1 
ATOM   62  C CD  . PRO A 1 8   ? -0.755  -10.004 -0.409  1.00 13.71  ? 8   PRO L CD  1 
ATOM   63  N N   . ALA A 1 9   ? -5.219  -10.671 -0.529  1.00 28.00  ? 9   ALA L N   1 
ATOM   64  C CA  . ALA A 1 9   ? -6.421  -10.103 0.053   1.00 27.70  ? 9   ALA L CA  1 
ATOM   65  C C   . ALA A 1 9   ? -6.163  -9.867  1.524   1.00 27.62  ? 9   ALA L C   1 
ATOM   66  O O   . ALA A 1 9   ? -6.423  -8.799  2.057   1.00 27.46  ? 9   ALA L O   1 
ATOM   67  C CB  . ALA A 1 9   ? -7.583  -11.048 -0.121  1.00 5.00   ? 9   ALA L CB  1 
ATOM   68  N N   . SER A 1 10  ? -5.652  -10.878 2.194   1.00 27.30  ? 10  SER L N   1 
ATOM   69  C CA  . SER A 1 10  ? -5.347  -10.743 3.602   1.00 28.42  ? 10  SER L CA  1 
ATOM   70  C C   . SER A 1 10  ? -4.176  -11.666 3.894   1.00 28.60  ? 10  SER L C   1 
ATOM   71  O O   . SER A 1 10  ? -3.963  -12.672 3.204   1.00 29.09  ? 10  SER L O   1 
ATOM   72  C CB  . SER A 1 10  ? -6.550  -11.139 4.446   1.00 27.62  ? 10  SER L CB  1 
ATOM   73  O OG  . SER A 1 10  ? -6.935  -12.472 4.149   1.00 29.33  ? 10  SER L OG  1 
ATOM   74  N N   . LEU A 1 11  ? -3.402  -11.305 4.903   1.00 30.58  ? 11  LEU L N   1 
ATOM   75  C CA  . LEU A 1 11  ? -2.265  -12.112 5.283   1.00 30.86  ? 11  LEU L CA  1 
ATOM   76  C C   . LEU A 1 11  ? -2.174  -12.034 6.789   1.00 30.99  ? 11  LEU L C   1 
ATOM   77  O O   . LEU A 1 11  ? -2.607  -11.053 7.399   1.00 30.93  ? 11  LEU L O   1 
ATOM   78  C CB  . LEU A 1 11  ? -0.982  -11.596 4.633   1.00 27.16  ? 11  LEU L CB  1 
ATOM   79  C CG  . LEU A 1 11  ? -0.466  -10.239 5.084   1.00 27.63  ? 11  LEU L CG  1 
ATOM   80  C CD1 . LEU A 1 11  ? 0.814   -9.941  4.335   1.00 27.94  ? 11  LEU L CD1 1 
ATOM   81  C CD2 . LEU A 1 11  ? -1.495  -9.162  4.816   1.00 27.76  ? 11  LEU L CD2 1 
ATOM   82  N N   . SER A 1 12  ? -1.623  -13.086 7.377   1.00 26.00  ? 12  SER L N   1 
ATOM   83  C CA  . SER A 1 12  ? -1.490  -13.185 8.820   1.00 26.58  ? 12  SER L CA  1 
ATOM   84  C C   . SER A 1 12  ? -0.025  -13.347 9.212   1.00 27.24  ? 12  SER L C   1 
ATOM   85  O O   . SER A 1 12  ? 0.660   -14.264 8.758   1.00 27.80  ? 12  SER L O   1 
ATOM   86  C CB  . SER A 1 12  ? -2.304  -14.374 9.310   1.00 38.78  ? 12  SER L CB  1 
ATOM   87  O OG  . SER A 1 12  ? -2.493  -14.283 10.696  1.00 39.03  ? 12  SER L OG  1 
ATOM   88  N N   . ALA A 1 13  ? 0.459   -12.443 10.049  1.00 22.55  ? 13  ALA L N   1 
ATOM   89  C CA  . ALA A 1 13  ? 1.845   -12.503 10.483  1.00 23.13  ? 13  ALA L CA  1 
ATOM   90  C C   . ALA A 1 13  ? 1.957   -12.176 11.959  1.00 23.72  ? 13  ALA L C   1 
ATOM   91  O O   . ALA A 1 13  ? 0.957   -11.973 12.648  1.00 23.63  ? 13  ALA L O   1 
ATOM   92  C CB  . ALA A 1 13  ? 2.685   -11.536 9.673   1.00 37.37  ? 13  ALA L CB  1 
ATOM   93  N N   . SER A 1 14  ? 3.182   -12.136 12.455  1.00 37.08  ? 14  SER L N   1 
ATOM   94  C CA  . SER A 1 14  ? 3.381   -11.821 13.854  1.00 38.34  ? 14  SER L CA  1 
ATOM   95  C C   . SER A 1 14  ? 4.335   -10.669 13.990  1.00 39.10  ? 14  SER L C   1 
ATOM   96  O O   . SER A 1 14  ? 5.159   -10.413 13.107  1.00 39.44  ? 14  SER L O   1 
ATOM   97  C CB  . SER A 1 14  ? 3.911   -13.033 14.618  1.00 44.47  ? 14  SER L CB  1 
ATOM   98  O OG  . SER A 1 14  ? 2.880   -13.979 14.837  1.00 45.27  ? 14  SER L OG  1 
ATOM   99  N N   . VAL A 1 15  ? 4.201   -9.973  15.108  1.00 33.40  ? 15  VAL L N   1 
ATOM   100 C CA  . VAL A 1 15  ? 5.036   -8.829  15.397  1.00 34.09  ? 15  VAL L CA  1 
ATOM   101 C C   . VAL A 1 15  ? 6.509   -9.157  15.195  1.00 34.55  ? 15  VAL L C   1 
ATOM   102 O O   . VAL A 1 15  ? 6.974   -10.221 15.589  1.00 34.94  ? 15  VAL L O   1 
ATOM   103 C CB  . VAL A 1 15  ? 4.808   -8.360  16.832  1.00 53.81  ? 15  VAL L CB  1 
ATOM   104 C CG1 . VAL A 1 15  ? 5.653   -7.135  17.121  1.00 53.75  ? 15  VAL L CG1 1 
ATOM   105 C CG2 . VAL A 1 15  ? 3.337   -8.044  17.027  1.00 54.19  ? 15  VAL L CG2 1 
ATOM   106 N N   . GLY A 1 16  ? 7.232   -8.244  14.555  1.00 30.12  ? 16  GLY L N   1 
ATOM   107 C CA  . GLY A 1 16  ? 8.645   -8.451  14.331  1.00 29.68  ? 16  GLY L CA  1 
ATOM   108 C C   . GLY A 1 16  ? 8.988   -8.969  12.957  1.00 29.62  ? 16  GLY L C   1 
ATOM   109 O O   . GLY A 1 16  ? 10.123  -8.807  12.501  1.00 30.03  ? 16  GLY L O   1 
ATOM   110 N N   . GLU A 1 17  ? 8.018   -9.577  12.282  1.00 37.65  ? 17  GLU L N   1 
ATOM   111 C CA  . GLU A 1 17  ? 8.254   -10.145 10.954  1.00 37.42  ? 17  GLU L CA  1 
ATOM   112 C C   . GLU A 1 17  ? 8.219   -9.125  9.813   1.00 36.74  ? 17  GLU L C   1 
ATOM   113 O O   . GLU A 1 17  ? 8.099   -7.924  10.041  1.00 36.85  ? 17  GLU L O   1 
ATOM   114 C CB  . GLU A 1 17  ? 7.244   -11.261 10.707  1.00 61.31  ? 17  GLU L CB  1 
ATOM   115 C CG  . GLU A 1 17  ? 7.160   -12.217 11.883  1.00 63.33  ? 17  GLU L CG  1 
ATOM   116 C CD  . GLU A 1 17  ? 6.038   -13.219 11.753  1.00 63.33  ? 17  GLU L CD  1 
ATOM   117 O OE1 . GLU A 1 17  ? 5.363   -13.215 10.703  1.00 63.33  ? 17  GLU L OE1 1 
ATOM   118 O OE2 . GLU A 1 17  ? 5.825   -14.011 12.695  1.00 63.33  ? 17  GLU L OE2 1 
ATOM   119 N N   . THR A 1 18  ? 8.344   -9.612  8.585   1.00 30.75  ? 18  THR L N   1 
ATOM   120 C CA  . THR A 1 18  ? 8.320   -8.749  7.407   1.00 29.90  ? 18  THR L CA  1 
ATOM   121 C C   . THR A 1 18  ? 7.310   -9.256  6.405   1.00 29.52  ? 18  THR L C   1 
ATOM   122 O O   . THR A 1 18  ? 7.284   -10.443 6.100   1.00 29.70  ? 18  THR L O   1 
ATOM   123 C CB  . THR A 1 18  ? 9.696   -8.698  6.711   1.00 35.18  ? 18  THR L CB  1 
ATOM   124 O OG1 . THR A 1 18  ? 10.545  -7.790  7.414   1.00 35.13  ? 18  THR L OG1 1 
ATOM   125 C CG2 . THR A 1 18  ? 9.562   -8.232  5.281   1.00 34.40  ? 18  THR L CG2 1 
ATOM   126 N N   . VAL A 1 19  ? 6.473   -8.363  5.892   1.00 31.79  ? 19  VAL L N   1 
ATOM   127 C CA  . VAL A 1 19  ? 5.483   -8.764  4.903   1.00 30.85  ? 19  VAL L CA  1 
ATOM   128 C C   . VAL A 1 19  ? 5.542   -7.872  3.677   1.00 30.13  ? 19  VAL L C   1 
ATOM   129 O O   . VAL A 1 19  ? 6.017   -6.739  3.739   1.00 30.27  ? 19  VAL L O   1 
ATOM   130 C CB  . VAL A 1 19  ? 4.058   -8.745  5.483   1.00 30.20  ? 19  VAL L CB  1 
ATOM   131 C CG1 . VAL A 1 19  ? 3.935   -9.818  6.555   1.00 30.48  ? 19  VAL L CG1 1 
ATOM   132 C CG2 . VAL A 1 19  ? 3.733   -7.365  6.046   1.00 30.18  ? 19  VAL L CG2 1 
ATOM   133 N N   . THR A 1 20  ? 5.066   -8.397  2.556   1.00 31.41  ? 20  THR L N   1 
ATOM   134 C CA  . THR A 1 20  ? 5.067   -7.656  1.303   1.00 31.19  ? 20  THR L CA  1 
ATOM   135 C C   . THR A 1 20  ? 3.714   -7.670  0.623   1.00 30.51  ? 20  THR L C   1 
ATOM   136 O O   . THR A 1 20  ? 3.156   -8.731  0.374   1.00 30.88  ? 20  THR L O   1 
ATOM   137 C CB  . THR A 1 20  ? 6.091   -8.234  0.321   1.00 49.41  ? 20  THR L CB  1 
ATOM   138 O OG1 . THR A 1 20  ? 7.409   -8.003  0.825   1.00 50.52  ? 20  THR L OG1 1 
ATOM   139 C CG2 . THR A 1 20  ? 5.958   -7.576  -1.035  1.00 49.09  ? 20  THR L CG2 1 
ATOM   140 N N   . ILE A 1 21  ? 3.205   -6.481  0.322   1.00 30.08  ? 21  ILE L N   1 
ATOM   141 C CA  . ILE A 1 21  ? 1.922   -6.308  -0.350  1.00 28.43  ? 21  ILE L CA  1 
ATOM   142 C C   . ILE A 1 21  ? 2.218   -5.740  -1.740  1.00 28.13  ? 21  ILE L C   1 
ATOM   143 O O   . ILE A 1 21  ? 3.105   -4.901  -1.896  1.00 27.78  ? 21  ILE L O   1 
ATOM   144 C CB  . ILE A 1 21  ? 1.041   -5.289  0.392   1.00 38.26  ? 21  ILE L CB  1 
ATOM   145 C CG1 . ILE A 1 21  ? 0.804   -5.751  1.824   1.00 37.71  ? 21  ILE L CG1 1 
ATOM   146 C CG2 . ILE A 1 21  ? -0.285  -5.105  -0.350  1.00 37.98  ? 21  ILE L CG2 1 
ATOM   147 C CD1 . ILE A 1 21  ? 0.195   -4.682  2.674   1.00 37.40  ? 21  ILE L CD1 1 
ATOM   148 N N   . THR A 1 22  ? 1.478   -6.190  -2.743  1.00 32.72  ? 22  THR L N   1 
ATOM   149 C CA  . THR A 1 22  ? 1.695   -5.707  -4.098  1.00 33.43  ? 22  THR L CA  1 
ATOM   150 C C   . THR A 1 22  ? 0.433   -5.205  -4.790  1.00 33.76  ? 22  THR L C   1 
ATOM   151 O O   . THR A 1 22  ? -0.683  -5.577  -4.432  1.00 33.86  ? 22  THR L O   1 
ATOM   152 C CB  . THR A 1 22  ? 2.326   -6.806  -4.982  1.00 32.41  ? 22  THR L CB  1 
ATOM   153 O OG1 . THR A 1 22  ? 1.617   -8.034  -4.791  1.00 33.15  ? 22  THR L OG1 1 
ATOM   154 C CG2 . THR A 1 22  ? 3.787   -7.011  -4.628  1.00 32.02  ? 22  THR L CG2 1 
ATOM   155 N N   . CYS A 1 23  ? 0.637   -4.336  -5.774  1.00 35.39  ? 23  CYS L N   1 
ATOM   156 C CA  . CYS A 1 23  ? -0.439  -3.773  -6.587  1.00 35.66  ? 23  CYS L CA  1 
ATOM   157 C C   . CYS A 1 23  ? 0.008   -3.704  -8.032  1.00 36.11  ? 23  CYS L C   1 
ATOM   158 O O   . CYS A 1 23  ? 1.102   -3.217  -8.337  1.00 36.06  ? 23  CYS L O   1 
ATOM   159 C CB  . CYS A 1 23  ? -0.825  -2.374  -6.118  1.00 67.53  ? 23  CYS L CB  1 
ATOM   160 S SG  . CYS A 1 23  ? -2.229  -2.398  -4.971  1.00 67.45  ? 23  CYS L SG  1 
ATOM   161 N N   . ARG A 1 24  ? -0.844  -4.219  -8.911  1.00 28.82  ? 24  ARG L N   1 
ATOM   162 C CA  . ARG A 1 24  ? -0.588  -4.224  -10.343 1.00 30.03  ? 24  ARG L CA  1 
ATOM   163 C C   . ARG A 1 24  ? -1.577  -3.273  -11.020 1.00 30.18  ? 24  ARG L C   1 
ATOM   164 O O   . ARG A 1 24  ? -2.735  -3.195  -10.618 1.00 29.87  ? 24  ARG L O   1 
ATOM   165 C CB  . ARG A 1 24  ? -0.747  -5.647  -10.887 1.00 50.43  ? 24  ARG L CB  1 
ATOM   166 C CG  . ARG A 1 24  ? -0.575  -5.768  -12.383 1.00 57.65  ? 24  ARG L CG  1 
ATOM   167 C CD  . ARG A 1 24  ? -0.518  -7.220  -12.819 1.00 57.65  ? 24  ARG L CD  1 
ATOM   168 N NE  . ARG A 1 24  ? -1.718  -7.981  -12.469 1.00 57.65  ? 24  ARG L NE  1 
ATOM   169 C CZ  . ARG A 1 24  ? -2.919  -7.803  -13.014 1.00 57.65  ? 24  ARG L CZ  1 
ATOM   170 N NH1 . ARG A 1 24  ? -3.102  -6.881  -13.951 1.00 57.65  ? 24  ARG L NH1 1 
ATOM   171 N NH2 . ARG A 1 24  ? -3.942  -8.559  -12.627 1.00 57.65  ? 24  ARG L NH2 1 
ATOM   172 N N   . ALA A 1 25  ? -1.121  -2.524  -12.020 1.00 40.26  ? 25  ALA L N   1 
ATOM   173 C CA  . ALA A 1 25  ? -2.021  -1.621  -12.735 1.00 40.50  ? 25  ALA L CA  1 
ATOM   174 C C   . ALA A 1 25  ? -2.260  -2.175  -14.137 1.00 40.83  ? 25  ALA L C   1 
ATOM   175 O O   . ALA A 1 25  ? -1.364  -2.771  -14.732 1.00 40.90  ? 25  ALA L O   1 
ATOM   176 C CB  . ALA A 1 25  ? -1.436  -0.216  -12.805 1.00 21.51  ? 25  ALA L CB  1 
ATOM   177 N N   . SER A 1 26  ? -3.473  -1.980  -14.649 1.00 35.30  ? 26  SER L N   1 
ATOM   178 C CA  . SER A 1 26  ? -3.869  -2.465  -15.969 1.00 35.41  ? 26  SER L CA  1 
ATOM   179 C C   . SER A 1 26  ? -3.131  -1.766  -17.093 1.00 35.94  ? 26  SER L C   1 
ATOM   180 O O   . SER A 1 26  ? -3.042  -2.291  -18.205 1.00 36.57  ? 26  SER L O   1 
ATOM   181 C CB  . SER A 1 26  ? -5.366  -2.262  -16.180 1.00 39.90  ? 26  SER L CB  1 
ATOM   182 O OG  . SER A 1 26  ? -5.669  -0.881  -16.273 1.00 39.74  ? 26  SER L OG  1 
ATOM   183 N N   . GLU A 1 27  ? -2.623  -0.574  -16.807 1.00 46.38  ? 27  GLU L N   1 
ATOM   184 C CA  . GLU A 1 27  ? -1.884  0.204   -17.789 1.00 45.99  ? 27  GLU L CA  1 
ATOM   185 C C   . GLU A 1 27  ? -0.611  0.714   -17.121 1.00 45.46  ? 27  GLU L C   1 
ATOM   186 O O   . GLU A 1 27  ? -0.399  0.478   -15.934 1.00 45.12  ? 27  GLU L O   1 
ATOM   187 C CB  . GLU A 1 27  ? -2.744  1.371   -18.267 1.00 99.63  ? 27  GLU L CB  1 
ATOM   188 C CG  . GLU A 1 27  ? -2.056  2.290   -19.246 1.00 99.63  ? 27  GLU L CG  1 
ATOM   189 C CD  . GLU A 1 27  ? -2.968  3.387   -19.739 1.00 99.63  ? 27  GLU L CD  1 
ATOM   190 O OE1 . GLU A 1 27  ? -4.174  3.342   -19.424 1.00 99.63  ? 27  GLU L OE1 1 
ATOM   191 O OE2 . GLU A 1 27  ? -2.478  4.300   -20.440 1.00 99.63  ? 27  GLU L OE2 1 
ATOM   192 N N   . ASN A 1 28  ? 0.257   1.386   -17.868 1.00 51.22  ? 28  ASN L N   1 
ATOM   193 C CA  . ASN A 1 28  ? 1.461   1.905   -17.250 1.00 50.62  ? 28  ASN L CA  1 
ATOM   194 C C   . ASN A 1 28  ? 1.090   3.214   -16.569 1.00 49.93  ? 28  ASN L C   1 
ATOM   195 O O   . ASN A 1 28  ? 0.347   4.019   -17.128 1.00 49.81  ? 28  ASN L O   1 
ATOM   196 C CB  . ASN A 1 28  ? 2.550   2.159   -18.283 1.00 57.22  ? 28  ASN L CB  1 
ATOM   197 C CG  . ASN A 1 28  ? 3.881   2.488   -17.639 1.00 58.06  ? 28  ASN L CG  1 
ATOM   198 O OD1 . ASN A 1 28  ? 4.014   3.481   -16.925 1.00 58.45  ? 28  ASN L OD1 1 
ATOM   199 N ND2 . ASN A 1 28  ? 4.875   1.644   -17.880 1.00 58.23  ? 28  ASN L ND2 1 
ATOM   200 N N   . ILE A 1 29  ? 1.595   3.422   -15.359 1.00 47.91  ? 29  ILE L N   1 
ATOM   201 C CA  . ILE A 1 29  ? 1.301   4.637   -14.620 1.00 47.09  ? 29  ILE L CA  1 
ATOM   202 C C   . ILE A 1 29  ? 2.575   5.254   -14.049 1.00 46.31  ? 29  ILE L C   1 
ATOM   203 O O   . ILE A 1 29  ? 2.518   6.174   -13.227 1.00 46.44  ? 29  ILE L O   1 
ATOM   204 C CB  . ILE A 1 29  ? 0.336   4.352   -13.478 1.00 32.50  ? 29  ILE L CB  1 
ATOM   205 C CG1 . ILE A 1 29  ? 0.985   3.350   -12.512 1.00 31.91  ? 29  ILE L CG1 1 
ATOM   206 C CG2 . ILE A 1 29  ? -0.964  3.807   -14.041 1.00 32.31  ? 29  ILE L CG2 1 
ATOM   207 C CD1 . ILE A 1 29  ? 0.327   3.251   -11.147 1.00 31.61  ? 29  ILE L CD1 1 
ATOM   208 N N   . TYR A 1 30  ? 3.723   4.739   -14.481 1.00 44.99  ? 30  TYR L N   1 
ATOM   209 C CA  . TYR A 1 30  ? 5.017   5.254   -14.041 1.00 44.61  ? 30  TYR L CA  1 
ATOM   210 C C   . TYR A 1 30  ? 5.222   5.164   -12.535 1.00 43.82  ? 30  TYR L C   1 
ATOM   211 O O   . TYR A 1 30  ? 5.487   4.087   -12.009 1.00 43.13  ? 30  TYR L O   1 
ATOM   212 C CB  . TYR A 1 30  ? 5.183   6.705   -14.504 1.00 68.86  ? 30  TYR L CB  1 
ATOM   213 C CG  . TYR A 1 30  ? 4.829   6.891   -15.960 1.00 69.74  ? 30  TYR L CG  1 
ATOM   214 C CD1 . TYR A 1 30  ? 3.523   7.198   -16.348 1.00 70.31  ? 30  TYR L CD1 1 
ATOM   215 C CD2 . TYR A 1 30  ? 5.786   6.700   -16.956 1.00 70.12  ? 30  TYR L CD2 1 
ATOM   216 C CE1 . TYR A 1 30  ? 3.182   7.300   -17.689 1.00 70.98  ? 30  TYR L CE1 1 
ATOM   217 C CE2 . TYR A 1 30  ? 5.456   6.799   -18.301 1.00 70.65  ? 30  TYR L CE2 1 
ATOM   218 C CZ  . TYR A 1 30  ? 4.154   7.096   -18.660 1.00 71.25  ? 30  TYR L CZ  1 
ATOM   219 O OH  . TYR A 1 30  ? 3.825   7.170   -19.994 1.00 71.68  ? 30  TYR L OH  1 
ATOM   220 N N   . SER A 1 31  ? 5.115   6.293   -11.838 1.00 41.43  ? 31  SER L N   1 
ATOM   221 C CA  . SER A 1 31  ? 5.296   6.296   -10.389 1.00 40.91  ? 31  SER L CA  1 
ATOM   222 C C   . SER A 1 31  ? 4.143   6.963   -9.651  1.00 40.16  ? 31  SER L C   1 
ATOM   223 O O   . SER A 1 31  ? 4.240   7.237   -8.452  1.00 39.93  ? 31  SER L O   1 
ATOM   224 C CB  . SER A 1 31  ? 6.611   6.986   -10.012 1.00 49.39  ? 31  SER L CB  1 
ATOM   225 O OG  . SER A 1 31  ? 7.716   6.147   -10.292 1.00 50.35  ? 31  SER L OG  1 
ATOM   226 N N   . TYR A 1 32  ? 3.057   7.221   -10.371 1.00 39.72  ? 32  TYR L N   1 
ATOM   227 C CA  . TYR A 1 32  ? 1.882   7.852   -9.784  1.00 38.63  ? 32  TYR L CA  1 
ATOM   228 C C   . TYR A 1 32  ? 1.049   6.784   -9.092  1.00 38.04  ? 32  TYR L C   1 
ATOM   229 O O   . TYR A 1 32  ? -0.012  6.380   -9.562  1.00 38.03  ? 32  TYR L O   1 
ATOM   230 C CB  . TYR A 1 32  ? 1.092   8.561   -10.876 1.00 58.37  ? 32  TYR L CB  1 
ATOM   231 C CG  . TYR A 1 32  ? 1.936   9.603   -11.553 1.00 57.83  ? 32  TYR L CG  1 
ATOM   232 C CD1 . TYR A 1 32  ? 2.358   10.730  -10.858 1.00 57.71  ? 32  TYR L CD1 1 
ATOM   233 C CD2 . TYR A 1 32  ? 2.382   9.431   -12.860 1.00 57.68  ? 32  TYR L CD2 1 
ATOM   234 C CE1 . TYR A 1 32  ? 3.208   11.660  -11.441 1.00 57.40  ? 32  TYR L CE1 1 
ATOM   235 C CE2 . TYR A 1 32  ? 3.232   10.355  -13.455 1.00 57.26  ? 32  TYR L CE2 1 
ATOM   236 C CZ  . TYR A 1 32  ? 3.641   11.467  -12.737 1.00 57.14  ? 32  TYR L CZ  1 
ATOM   237 O OH  . TYR A 1 32  ? 4.487   12.389  -13.304 1.00 56.99  ? 32  TYR L OH  1 
ATOM   238 N N   . LEU A 1 33  ? 1.560   6.337   -7.955  1.00 32.95  ? 33  LEU L N   1 
ATOM   239 C CA  . LEU A 1 33  ? 0.930   5.294   -7.183  1.00 32.40  ? 33  LEU L CA  1 
ATOM   240 C C   . LEU A 1 33  ? 1.200   5.599   -5.723  1.00 32.64  ? 33  LEU L C   1 
ATOM   241 O O   . LEU A 1 33  ? 2.334   5.874   -5.345  1.00 32.01  ? 33  LEU L O   1 
ATOM   242 C CB  . LEU A 1 33  ? 1.545   3.954   -7.583  1.00 18.10  ? 33  LEU L CB  1 
ATOM   243 C CG  . LEU A 1 33  ? 0.924   2.666   -7.044  1.00 16.69  ? 33  LEU L CG  1 
ATOM   244 C CD1 . LEU A 1 33  ? 1.309   2.460   -5.568  1.00 17.16  ? 33  LEU L CD1 1 
ATOM   245 C CD2 . LEU A 1 33  ? -0.578  2.721   -7.236  1.00 15.51  ? 33  LEU L CD2 1 
ATOM   246 N N   . ALA A 1 34  ? 0.152   5.566   -4.906  1.00 44.49  ? 34  ALA L N   1 
ATOM   247 C CA  . ALA A 1 34  ? 0.288   5.839   -3.479  1.00 44.44  ? 34  ALA L CA  1 
ATOM   248 C C   . ALA A 1 34  ? -0.315  4.707   -2.646  1.00 44.59  ? 34  ALA L C   1 
ATOM   249 O O   . ALA A 1 34  ? -1.137  3.929   -3.136  1.00 44.79  ? 34  ALA L O   1 
ATOM   250 C CB  . ALA A 1 34  ? -0.392  7.180   -3.128  1.00 14.13  ? 34  ALA L CB  1 
ATOM   251 N N   . TRP A 1 35  ? 0.111   4.609   -1.391  1.00 28.74  ? 35  TRP L N   1 
ATOM   252 C CA  . TRP A 1 35  ? -0.406  3.590   -0.491  1.00 29.24  ? 35  TRP L CA  1 
ATOM   253 C C   . TRP A 1 35  ? -1.059  4.253   0.711   1.00 30.05  ? 35  TRP L C   1 
ATOM   254 O O   . TRP A 1 35  ? -0.540  5.228   1.258   1.00 30.38  ? 35  TRP L O   1 
ATOM   255 C CB  . TRP A 1 35  ? 0.715   2.672   0.005   1.00 23.14  ? 35  TRP L CB  1 
ATOM   256 C CG  . TRP A 1 35  ? 1.268   1.743   -1.025  1.00 24.01  ? 35  TRP L CG  1 
ATOM   257 C CD1 . TRP A 1 35  ? 2.336   1.964   -1.839  1.00 24.45  ? 35  TRP L CD1 1 
ATOM   258 C CD2 . TRP A 1 35  ? 0.778   0.440   -1.348  1.00 24.32  ? 35  TRP L CD2 1 
ATOM   259 N NE1 . TRP A 1 35  ? 2.547   0.877   -2.650  1.00 24.58  ? 35  TRP L NE1 1 
ATOM   260 C CE2 . TRP A 1 35  ? 1.603   -0.075  -2.368  1.00 24.60  ? 35  TRP L CE2 1 
ATOM   261 C CE3 . TRP A 1 35  ? -0.280  -0.344  -0.873  1.00 23.97  ? 35  TRP L CE3 1 
ATOM   262 C CZ2 . TRP A 1 35  ? 1.406   -1.342  -2.922  1.00 24.02  ? 35  TRP L CZ2 1 
ATOM   263 C CZ3 . TRP A 1 35  ? -0.479  -1.602  -1.421  1.00 23.51  ? 35  TRP L CZ3 1 
ATOM   264 C CH2 . TRP A 1 35  ? 0.360   -2.090  -2.434  1.00 23.74  ? 35  TRP L CH2 1 
ATOM   265 N N   . TYR A 1 36  ? -2.201  3.731   1.125   1.00 29.30  ? 36  TYR L N   1 
ATOM   266 C CA  . TYR A 1 36  ? -2.870  4.299   2.279   1.00 28.54  ? 36  TYR L CA  1 
ATOM   267 C C   . TYR A 1 36  ? -3.030  3.262   3.355   1.00 28.41  ? 36  TYR L C   1 
ATOM   268 O O   . TYR A 1 36  ? -3.113  2.062   3.082   1.00 27.96  ? 36  TYR L O   1 
ATOM   269 C CB  . TYR A 1 36  ? -4.254  4.845   1.914   1.00 19.50  ? 36  TYR L CB  1 
ATOM   270 C CG  . TYR A 1 36  ? -4.195  6.023   0.987   1.00 18.79  ? 36  TYR L CG  1 
ATOM   271 C CD1 . TYR A 1 36  ? -3.983  5.847   -0.386  1.00 18.74  ? 36  TYR L CD1 1 
ATOM   272 C CD2 . TYR A 1 36  ? -4.282  7.322   1.484   1.00 19.05  ? 36  TYR L CD2 1 
ATOM   273 C CE1 . TYR A 1 36  ? -3.857  6.936   -1.238  1.00 19.09  ? 36  TYR L CE1 1 
ATOM   274 C CE2 . TYR A 1 36  ? -4.157  8.418   0.643   1.00 19.24  ? 36  TYR L CE2 1 
ATOM   275 C CZ  . TYR A 1 36  ? -3.946  8.217   -0.717  1.00 19.40  ? 36  TYR L CZ  1 
ATOM   276 O OH  . TYR A 1 36  ? -3.832  9.300   -1.552  1.00 20.06  ? 36  TYR L OH  1 
ATOM   277 N N   . GLN A 1 37  ? -3.065  3.734   4.588   1.00 27.45  ? 37  GLN L N   1 
ATOM   278 C CA  . GLN A 1 37  ? -3.265  2.841   5.703   1.00 28.27  ? 37  GLN L CA  1 
ATOM   279 C C   . GLN A 1 37  ? -4.583  3.238   6.349   1.00 29.56  ? 37  GLN L C   1 
ATOM   280 O O   . GLN A 1 37  ? -4.895  4.423   6.463   1.00 28.94  ? 37  GLN L O   1 
ATOM   281 C CB  . GLN A 1 37  ? -2.144  2.981   6.724   1.00 42.23  ? 37  GLN L CB  1 
ATOM   282 C CG  . GLN A 1 37  ? -2.213  1.927   7.805   1.00 41.06  ? 37  GLN L CG  1 
ATOM   283 C CD  . GLN A 1 37  ? -1.327  2.235   8.983   1.00 40.52  ? 37  GLN L CD  1 
ATOM   284 O OE1 . GLN A 1 37  ? -1.131  3.396   9.333   1.00 40.04  ? 37  GLN L OE1 1 
ATOM   285 N NE2 . GLN A 1 37  ? -0.772  1.200   9.599   1.00 40.65  ? 37  GLN L NE2 1 
ATOM   286 N N   . GLN A 1 38  ? -5.364  2.246   6.752   1.00 22.36  ? 38  GLN L N   1 
ATOM   287 C CA  . GLN A 1 38  ? -6.618  2.519   7.411   1.00 23.84  ? 38  GLN L CA  1 
ATOM   288 C C   . GLN A 1 38  ? -6.805  1.553   8.553   1.00 24.58  ? 38  GLN L C   1 
ATOM   289 O O   . GLN A 1 38  ? -6.878  0.346   8.347   1.00 24.35  ? 38  GLN L O   1 
ATOM   290 C CB  . GLN A 1 38  ? -7.773  2.375   6.445   1.00 27.82  ? 38  GLN L CB  1 
ATOM   291 C CG  . GLN A 1 38  ? -9.071  2.827   7.050   1.00 28.02  ? 38  GLN L CG  1 
ATOM   292 C CD  . GLN A 1 38  ? -10.215 2.732   6.087   1.00 27.91  ? 38  GLN L CD  1 
ATOM   293 O OE1 . GLN A 1 38  ? -10.163 1.965   5.137   1.00 28.60  ? 38  GLN L OE1 1 
ATOM   294 N NE2 . GLN A 1 38  ? -11.260 3.519   6.319   1.00 27.97  ? 38  GLN L NE2 1 
ATOM   295 N N   . LYS A 1 39  ? -6.871  2.068   9.767   1.00 33.98  ? 39  LYS L N   1 
ATOM   296 C CA  . LYS A 1 39  ? -7.058  1.188   10.906  1.00 36.03  ? 39  LYS L CA  1 
ATOM   297 C C   . LYS A 1 39  ? -8.284  1.613   11.672  1.00 37.54  ? 39  LYS L C   1 
ATOM   298 O O   . LYS A 1 39  ? -8.800  2.716   11.472  1.00 37.52  ? 39  LYS L O   1 
ATOM   299 C CB  . LYS A 1 39  ? -5.834  1.220   11.822  1.00 44.77  ? 39  LYS L CB  1 
ATOM   300 C CG  . LYS A 1 39  ? -5.434  2.605   12.246  1.00 44.71  ? 39  LYS L CG  1 
ATOM   301 C CD  . LYS A 1 39  ? -4.183  2.592   13.106  1.00 45.04  ? 39  LYS L CD  1 
ATOM   302 C CE  . LYS A 1 39  ? -2.950  2.162   12.345  1.00 45.61  ? 39  LYS L CE  1 
ATOM   303 N NZ  . LYS A 1 39  ? -1.720  2.590   13.088  1.00 46.20  ? 39  LYS L NZ  1 
ATOM   304 N N   . GLN A 1 40  ? -8.750  0.727   12.547  1.00 93.40  ? 40  GLN L N   1 
ATOM   305 C CA  . GLN A 1 40  ? -9.926  1.006   13.355  1.00 94.67  ? 40  GLN L CA  1 
ATOM   306 C C   . GLN A 1 40  ? -11.023 1.436   12.400  1.00 94.62  ? 40  GLN L C   1 
ATOM   307 O O   . GLN A 1 40  ? -11.332 0.749   11.426  1.00 94.48  ? 40  GLN L O   1 
ATOM   308 C CB  . GLN A 1 40  ? -9.624  2.148   14.334  1.00 99.91  ? 40  GLN L CB  1 
ATOM   309 C CG  . GLN A 1 40  ? -8.375  1.931   15.179  1.00 99.91  ? 40  GLN L CG  1 
ATOM   310 C CD  . GLN A 1 40  ? -7.927  3.187   15.909  1.00 99.91  ? 40  GLN L CD  1 
ATOM   311 O OE1 . GLN A 1 40  ? -6.974  3.160   16.693  1.00 99.91  ? 40  GLN L OE1 1 
ATOM   312 N NE2 . GLN A 1 40  ? -8.611  4.299   15.651  1.00 99.91  ? 40  GLN L NE2 1 
ATOM   313 N N   . GLY A 1 41  ? -11.604 2.589   12.692  1.00 48.28  ? 41  GLY L N   1 
ATOM   314 C CA  . GLY A 1 41  ? -12.637 3.132   11.844  1.00 48.06  ? 41  GLY L CA  1 
ATOM   315 C C   . GLY A 1 41  ? -12.266 4.573   11.572  1.00 47.77  ? 41  GLY L C   1 
ATOM   316 O O   . GLY A 1 41  ? -12.963 5.485   11.999  1.00 47.80  ? 41  GLY L O   1 
ATOM   317 N N   . LYS A 1 42  ? -11.150 4.787   10.884  1.00 39.26  ? 42  LYS L N   1 
ATOM   318 C CA  . LYS A 1 42  ? -10.721 6.139   10.580  1.00 38.56  ? 42  LYS L CA  1 
ATOM   319 C C   . LYS A 1 42  ? -10.491 6.285   9.087   1.00 37.30  ? 42  LYS L C   1 
ATOM   320 O O   . LYS A 1 42  ? -10.566 5.307   8.344   1.00 36.97  ? 42  LYS L O   1 
ATOM   321 C CB  . LYS A 1 42  ? -9.458  6.483   11.374  1.00 83.77  ? 42  LYS L CB  1 
ATOM   322 C CG  . LYS A 1 42  ? -9.700  6.507   12.884  1.00 82.05  ? 42  LYS L CG  1 
ATOM   323 C CD  . LYS A 1 42  ? -8.576  7.183   13.672  1.00 82.05  ? 42  LYS L CD  1 
ATOM   324 C CE  . LYS A 1 42  ? -7.284  6.376   13.657  1.00 82.05  ? 42  LYS L CE  1 
ATOM   325 N NZ  . LYS A 1 42  ? -6.689  6.249   12.294  1.00 82.05  ? 42  LYS L NZ  1 
ATOM   326 N N   . SER A 1 43  ? -10.241 7.512   8.643   1.00 25.80  ? 43  SER L N   1 
ATOM   327 C CA  . SER A 1 43  ? -10.012 7.749   7.230   1.00 24.58  ? 43  SER L CA  1 
ATOM   328 C C   . SER A 1 43  ? -8.673  7.143   6.851   1.00 23.60  ? 43  SER L C   1 
ATOM   329 O O   . SER A 1 43  ? -7.832  6.888   7.709   1.00 23.52  ? 43  SER L O   1 
ATOM   330 C CB  . SER A 1 43  ? -10.013 9.252   6.929   1.00 48.90  ? 43  SER L CB  1 
ATOM   331 O OG  . SER A 1 43  ? -8.941  9.920   7.571   1.00 48.77  ? 43  SER L OG  1 
ATOM   332 N N   . PRO A 1 44  ? -8.461  6.884   5.561   1.00 26.35  ? 44  PRO L N   1 
ATOM   333 C CA  . PRO A 1 44  ? -7.177  6.304   5.177   1.00 25.81  ? 44  PRO L CA  1 
ATOM   334 C C   . PRO A 1 44  ? -6.056  7.320   5.363   1.00 25.82  ? 44  PRO L C   1 
ATOM   335 O O   . PRO A 1 44  ? -6.193  8.477   4.962   1.00 26.02  ? 44  PRO L O   1 
ATOM   336 C CB  . PRO A 1 44  ? -7.394  5.937   3.709   1.00 28.40  ? 44  PRO L CB  1 
ATOM   337 C CG  . PRO A 1 44  ? -8.861  5.652   3.646   1.00 28.18  ? 44  PRO L CG  1 
ATOM   338 C CD  . PRO A 1 44  ? -9.430  6.793   4.457   1.00 28.66  ? 44  PRO L CD  1 
ATOM   339 N N   . GLN A 1 45  ? -4.960  6.889   5.984   1.00 21.70  ? 45  GLN L N   1 
ATOM   340 C CA  . GLN A 1 45  ? -3.805  7.749   6.205   1.00 21.12  ? 45  GLN L CA  1 
ATOM   341 C C   . GLN A 1 45  ? -2.818  7.489   5.080   1.00 20.93  ? 45  GLN L C   1 
ATOM   342 O O   . GLN A 1 45  ? -2.642  6.345   4.653   1.00 21.00  ? 45  GLN L O   1 
ATOM   343 C CB  . GLN A 1 45  ? -3.144  7.420   7.541   1.00 78.62  ? 45  GLN L CB  1 
ATOM   344 C CG  . GLN A 1 45  ? -4.060  7.553   8.731   1.00 71.91  ? 45  GLN L CG  1 
ATOM   345 C CD  . GLN A 1 45  ? -4.873  8.827   8.680   1.00 71.91  ? 45  GLN L CD  1 
ATOM   346 O OE1 . GLN A 1 45  ? -4.359  9.891   8.335   1.00 71.91  ? 45  GLN L OE1 1 
ATOM   347 N NE2 . GLN A 1 45  ? -6.151  8.727   9.029   1.00 71.91  ? 45  GLN L NE2 1 
ATOM   348 N N   . LEU A 1 46  ? -2.173  8.541   4.596   1.00 34.01  ? 46  LEU L N   1 
ATOM   349 C CA  . LEU A 1 46  ? -1.203  8.391   3.520   1.00 33.24  ? 46  LEU L CA  1 
ATOM   350 C C   . LEU A 1 46  ? 0.151   7.909   4.035   1.00 32.75  ? 46  LEU L C   1 
ATOM   351 O O   . LEU A 1 46  ? 0.773   8.563   4.865   1.00 32.98  ? 46  LEU L O   1 
ATOM   352 C CB  . LEU A 1 46  ? -1.033  9.717   2.781   1.00 25.98  ? 46  LEU L CB  1 
ATOM   353 C CG  . LEU A 1 46  ? 0.035   9.763   1.686   1.00 26.01  ? 46  LEU L CG  1 
ATOM   354 C CD1 . LEU A 1 46  ? -0.245  8.714   0.621   1.00 26.05  ? 46  LEU L CD1 1 
ATOM   355 C CD2 . LEU A 1 46  ? 0.046   11.150  1.074   1.00 25.66  ? 46  LEU L CD2 1 
ATOM   356 N N   . LEU A 1 47  ? 0.593   6.760   3.534   1.00 26.64  ? 47  LEU L N   1 
ATOM   357 C CA  . LEU A 1 47  ? 1.873   6.174   3.928   1.00 26.05  ? 47  LEU L CA  1 
ATOM   358 C C   . LEU A 1 47  ? 2.976   6.569   2.959   1.00 25.88  ? 47  LEU L C   1 
ATOM   359 O O   . LEU A 1 47  ? 3.989   7.158   3.345   1.00 25.70  ? 47  LEU L O   1 
ATOM   360 C CB  . LEU A 1 47  ? 1.787   4.650   3.925   1.00 25.31  ? 47  LEU L CB  1 
ATOM   361 C CG  . LEU A 1 47  ? 0.831   3.975   4.889   1.00 24.08  ? 47  LEU L CG  1 
ATOM   362 C CD1 . LEU A 1 47  ? 0.940   2.465   4.749   1.00 23.99  ? 47  LEU L CD1 1 
ATOM   363 C CD2 . LEU A 1 47  ? 1.175   4.409   6.294   1.00 23.66  ? 47  LEU L CD2 1 
ATOM   364 N N   . VAL A 1 48  ? 2.764   6.222   1.694   1.00 35.66  ? 48  VAL L N   1 
ATOM   365 C CA  . VAL A 1 48  ? 3.728   6.488   0.643   1.00 35.97  ? 48  VAL L CA  1 
ATOM   366 C C   . VAL A 1 48  ? 3.061   6.913   -0.645  1.00 36.69  ? 48  VAL L C   1 
ATOM   367 O O   . VAL A 1 48  ? 2.033   6.363   -1.028  1.00 37.13  ? 48  VAL L O   1 
ATOM   368 C CB  . VAL A 1 48  ? 4.538   5.233   0.315   1.00 23.83  ? 48  VAL L CB  1 
ATOM   369 C CG1 . VAL A 1 48  ? 5.548   5.552   -0.769  1.00 23.86  ? 48  VAL L CG1 1 
ATOM   370 C CG2 . VAL A 1 48  ? 5.223   4.706   1.560   1.00 23.76  ? 48  VAL L CG2 1 
ATOM   371 N N   . TYR A 1 49  ? 3.659   7.885   -1.319  1.00 32.96  ? 49  TYR L N   1 
ATOM   372 C CA  . TYR A 1 49  ? 3.135   8.347   -2.589  1.00 33.07  ? 49  TYR L CA  1 
ATOM   373 C C   . TYR A 1 49  ? 4.287   8.394   -3.583  1.00 32.83  ? 49  TYR L C   1 
ATOM   374 O O   . TYR A 1 49  ? 5.454   8.286   -3.200  1.00 32.65  ? 49  TYR L O   1 
ATOM   375 C CB  . TYR A 1 49  ? 2.489   9.722   -2.446  1.00 46.35  ? 49  TYR L CB  1 
ATOM   376 C CG  . TYR A 1 49  ? 3.415   10.792  -1.955  1.00 47.01  ? 49  TYR L CG  1 
ATOM   377 C CD1 . TYR A 1 49  ? 3.957   10.740  -0.673  1.00 47.25  ? 49  TYR L CD1 1 
ATOM   378 C CD2 . TYR A 1 49  ? 3.737   11.879  -2.764  1.00 46.86  ? 49  TYR L CD2 1 
ATOM   379 C CE1 . TYR A 1 49  ? 4.795   11.748  -0.207  1.00 46.75  ? 49  TYR L CE1 1 
ATOM   380 C CE2 . TYR A 1 49  ? 4.571   12.894  -2.312  1.00 46.46  ? 49  TYR L CE2 1 
ATOM   381 C CZ  . TYR A 1 49  ? 5.094   12.826  -1.031  1.00 46.22  ? 49  TYR L CZ  1 
ATOM   382 O OH  . TYR A 1 49  ? 5.884   13.853  -0.565  1.00 46.12  ? 49  TYR L OH  1 
ATOM   383 N N   . ASN A 1 50  ? 3.957   8.551   -4.859  1.00 46.42  ? 50  ASN L N   1 
ATOM   384 C CA  . ASN A 1 50  ? 4.959   8.578   -5.913  1.00 46.90  ? 50  ASN L CA  1 
ATOM   385 C C   . ASN A 1 50  ? 5.811   7.309   -5.880  1.00 47.51  ? 50  ASN L C   1 
ATOM   386 O O   . ASN A 1 50  ? 7.024   7.342   -6.073  1.00 48.30  ? 50  ASN L O   1 
ATOM   387 C CB  . ASN A 1 50  ? 5.816   9.832   -5.785  1.00 51.14  ? 50  ASN L CB  1 
ATOM   388 C CG  . ASN A 1 50  ? 5.082   11.079  -6.257  1.00 50.61  ? 50  ASN L CG  1 
ATOM   389 O OD1 . ASN A 1 50  ? 5.564   12.199  -6.087  1.00 50.05  ? 50  ASN L OD1 1 
ATOM   390 N ND2 . ASN A 1 50  ? 3.909   10.884  -6.861  1.00 49.50  ? 50  ASN L ND2 1 
ATOM   391 N N   . ALA A 1 51  ? 5.132   6.191   -5.634  1.00 48.44  ? 51  ALA L N   1 
ATOM   392 C CA  . ALA A 1 51  ? 5.729   4.856   -5.575  1.00 48.23  ? 51  ALA L CA  1 
ATOM   393 C C   . ALA A 1 51  ? 6.639   4.548   -4.389  1.00 48.26  ? 51  ALA L C   1 
ATOM   394 O O   . ALA A 1 51  ? 6.509   3.485   -3.780  1.00 48.03  ? 51  ALA L O   1 
ATOM   395 C CB  . ALA A 1 51  ? 6.465   4.550   -6.879  1.00 32.56  ? 51  ALA L CB  1 
ATOM   396 N N   . LYS A 1 52  ? 7.553   5.455   -4.048  1.00 50.45  ? 52  LYS L N   1 
ATOM   397 C CA  . LYS A 1 52  ? 8.461   5.172   -2.946  1.00 51.62  ? 52  LYS L CA  1 
ATOM   398 C C   . LYS A 1 52  ? 8.801   6.310   -1.995  1.00 52.18  ? 52  LYS L C   1 
ATOM   399 O O   . LYS A 1 52  ? 9.778   6.227   -1.258  1.00 52.64  ? 52  LYS L O   1 
ATOM   400 C CB  . LYS A 1 52  ? 9.747   4.558   -3.498  1.00 75.84  ? 52  LYS L CB  1 
ATOM   401 C CG  . LYS A 1 52  ? 10.350  5.305   -4.672  1.00 77.30  ? 52  LYS L CG  1 
ATOM   402 C CD  . LYS A 1 52  ? 11.491  4.509   -5.310  1.00 78.29  ? 52  LYS L CD  1 
ATOM   403 C CE  . LYS A 1 52  ? 10.992  3.205   -5.941  1.00 79.52  ? 52  LYS L CE  1 
ATOM   404 N NZ  . LYS A 1 52  ? 12.099  2.346   -6.472  1.00 79.68  ? 52  LYS L NZ  1 
ATOM   405 N N   . THR A 1 53  ? 7.989   7.358   -1.980  1.00 33.95  ? 53  THR L N   1 
ATOM   406 C CA  . THR A 1 53  ? 8.239   8.486   -1.084  1.00 34.42  ? 53  THR L CA  1 
ATOM   407 C C   . THR A 1 53  ? 7.399   8.426   0.197   1.00 35.04  ? 53  THR L C   1 
ATOM   408 O O   . THR A 1 53  ? 6.167   8.461   0.145   1.00 35.08  ? 53  THR L O   1 
ATOM   409 C CB  . THR A 1 53  ? 7.938   9.814   -1.797  1.00 39.99  ? 53  THR L CB  1 
ATOM   410 O OG1 . THR A 1 53  ? 8.822   9.956   -2.919  1.00 39.88  ? 53  THR L OG1 1 
ATOM   411 C CG2 . THR A 1 53  ? 8.104   10.993  -0.840  1.00 39.47  ? 53  THR L CG2 1 
ATOM   412 N N   . LEU A 1 54  ? 8.058   8.339   1.347   1.00 44.79  ? 54  LEU L N   1 
ATOM   413 C CA  . LEU A 1 54  ? 7.329   8.301   2.610   1.00 45.91  ? 54  LEU L CA  1 
ATOM   414 C C   . LEU A 1 54  ? 6.623   9.621   2.866   1.00 46.84  ? 54  LEU L C   1 
ATOM   415 O O   . LEU A 1 54  ? 7.014   10.668  2.354   1.00 47.70  ? 54  LEU L O   1 
ATOM   416 C CB  . LEU A 1 54  ? 8.260   8.030   3.794   1.00 32.59  ? 54  LEU L CB  1 
ATOM   417 C CG  . LEU A 1 54  ? 8.979   6.691   3.906   1.00 32.52  ? 54  LEU L CG  1 
ATOM   418 C CD1 . LEU A 1 54  ? 9.150   6.343   5.386   1.00 32.09  ? 54  LEU L CD1 1 
ATOM   419 C CD2 . LEU A 1 54  ? 8.175   5.613   3.200   1.00 32.38  ? 54  LEU L CD2 1 
ATOM   420 N N   . ALA A 1 55  ? 5.580   9.569   3.675   1.00 32.42  ? 55  ALA L N   1 
ATOM   421 C CA  . ALA A 1 55  ? 4.839   10.766  4.004   1.00 32.64  ? 55  ALA L CA  1 
ATOM   422 C C   . ALA A 1 55  ? 5.349   11.255  5.346   1.00 33.16  ? 55  ALA L C   1 
ATOM   423 O O   . ALA A 1 55  ? 6.027   10.523  6.072   1.00 33.33  ? 55  ALA L O   1 
ATOM   424 C CB  . ALA A 1 55  ? 3.349   10.461  4.080   1.00 53.96  ? 55  ALA L CB  1 
ATOM   425 N N   . GLU A 1 56  ? 5.014   12.494  5.669   1.00 46.50  ? 56  GLU L N   1 
ATOM   426 C CA  . GLU A 1 56  ? 5.432   13.107  6.917   1.00 47.32  ? 56  GLU L CA  1 
ATOM   427 C C   . GLU A 1 56  ? 5.074   12.257  8.131   1.00 46.94  ? 56  GLU L C   1 
ATOM   428 O O   . GLU A 1 56  ? 3.931   11.827  8.287   1.00 47.18  ? 56  GLU L O   1 
ATOM   429 C CB  . GLU A 1 56  ? 4.779   14.482  7.050   1.00 100.00 ? 56  GLU L CB  1 
ATOM   430 C CG  . GLU A 1 56  ? 5.561   15.443  7.906   1.00 100.00 ? 56  GLU L CG  1 
ATOM   431 C CD  . GLU A 1 56  ? 6.979   15.591  7.413   1.00 100.00 ? 56  GLU L CD  1 
ATOM   432 O OE1 . GLU A 1 56  ? 7.156   15.854  6.204   1.00 100.00 ? 56  GLU L OE1 1 
ATOM   433 O OE2 . GLU A 1 56  ? 7.914   15.444  8.230   1.00 100.00 ? 56  GLU L OE2 1 
ATOM   434 N N   . GLY A 1 57  ? 6.061   12.018  8.989   1.00 52.14  ? 57  GLY L N   1 
ATOM   435 C CA  . GLY A 1 57  ? 5.828   11.248  10.198  1.00 51.57  ? 57  GLY L CA  1 
ATOM   436 C C   . GLY A 1 57  ? 5.440   9.801   9.987   1.00 51.24  ? 57  GLY L C   1 
ATOM   437 O O   . GLY A 1 57  ? 4.685   9.228   10.773  1.00 51.09  ? 57  GLY L O   1 
ATOM   438 N N   . VAL A 1 58  ? 5.957   9.210   8.919   1.00 32.80  ? 58  VAL L N   1 
ATOM   439 C CA  . VAL A 1 58  ? 5.679   7.819   8.597   1.00 32.54  ? 58  VAL L CA  1 
ATOM   440 C C   . VAL A 1 58  ? 6.934   7.023   8.913   1.00 32.96  ? 58  VAL L C   1 
ATOM   441 O O   . VAL A 1 58  ? 8.000   7.297   8.376   1.00 33.19  ? 58  VAL L O   1 
ATOM   442 C CB  . VAL A 1 58  ? 5.280   7.668   7.101   1.00 27.95  ? 58  VAL L CB  1 
ATOM   443 C CG1 . VAL A 1 58  ? 5.518   6.242   6.623   1.00 27.47  ? 58  VAL L CG1 1 
ATOM   444 C CG2 . VAL A 1 58  ? 3.791   8.042   6.928   1.00 27.15  ? 58  VAL L CG2 1 
ATOM   445 N N   . PRO A 1 59  ? 6.817   6.034   9.810   1.00 34.23  ? 59  PRO L N   1 
ATOM   446 C CA  . PRO A 1 59  ? 7.924   5.174   10.233  1.00 34.76  ? 59  PRO L CA  1 
ATOM   447 C C   . PRO A 1 59  ? 8.802   4.725   9.074   1.00 35.23  ? 59  PRO L C   1 
ATOM   448 O O   . PRO A 1 59  ? 8.338   4.605   7.940   1.00 35.17  ? 59  PRO L O   1 
ATOM   449 C CB  . PRO A 1 59  ? 7.211   4.005   10.905  1.00 54.30  ? 59  PRO L CB  1 
ATOM   450 C CG  . PRO A 1 59  ? 6.013   4.652   11.501  1.00 54.26  ? 59  PRO L CG  1 
ATOM   451 C CD  . PRO A 1 59  ? 5.545   5.559   10.384  1.00 54.18  ? 59  PRO L CD  1 
ATOM   452 N N   . SER A 1 60  ? 10.071  4.472   9.371   1.00 54.23  ? 60  SER L N   1 
ATOM   453 C CA  . SER A 1 60  ? 11.024  4.043   8.358   1.00 54.77  ? 60  SER L CA  1 
ATOM   454 C C   . SER A 1 60  ? 10.835  2.586   7.931   1.00 54.77  ? 60  SER L C   1 
ATOM   455 O O   . SER A 1 60  ? 11.327  2.170   6.880   1.00 54.99  ? 60  SER L O   1 
ATOM   456 C CB  . SER A 1 60  ? 12.451  4.261   8.876   1.00 99.20  ? 60  SER L CB  1 
ATOM   457 O OG  . SER A 1 60  ? 12.569  3.894   10.241  1.00 99.20  ? 60  SER L OG  1 
ATOM   458 N N   . ARG A 1 61  ? 10.113  1.813   8.738   1.00 36.42  ? 61  ARG L N   1 
ATOM   459 C CA  . ARG A 1 61  ? 9.890   0.415   8.410   1.00 36.30  ? 61  ARG L CA  1 
ATOM   460 C C   . ARG A 1 61  ? 8.980   0.234   7.193   1.00 35.67  ? 61  ARG L C   1 
ATOM   461 O O   . ARG A 1 61  ? 8.783   -0.886  6.710   1.00 35.90  ? 61  ARG L O   1 
ATOM   462 C CB  . ARG A 1 61  ? 9.327   -0.338  9.626   1.00 39.67  ? 61  ARG L CB  1 
ATOM   463 C CG  . ARG A 1 61  ? 8.100   0.259   10.275  1.00 40.63  ? 61  ARG L CG  1 
ATOM   464 C CD  . ARG A 1 61  ? 7.585   -0.690  11.354  1.00 42.28  ? 61  ARG L CD  1 
ATOM   465 N NE  . ARG A 1 61  ? 6.300   -0.267  11.907  1.00 43.75  ? 61  ARG L NE  1 
ATOM   466 C CZ  . ARG A 1 61  ? 6.121   0.851   12.607  1.00 44.44  ? 61  ARG L CZ  1 
ATOM   467 N NH1 . ARG A 1 61  ? 7.150   1.657   12.843  1.00 44.72  ? 61  ARG L NH1 1 
ATOM   468 N NH2 . ARG A 1 61  ? 4.918   1.169   13.072  1.00 44.30  ? 61  ARG L NH2 1 
ATOM   469 N N   . PHE A 1 62  ? 8.435   1.347   6.706   1.00 51.17  ? 62  PHE L N   1 
ATOM   470 C CA  . PHE A 1 62  ? 7.558   1.352   5.543   1.00 50.61  ? 62  PHE L CA  1 
ATOM   471 C C   . PHE A 1 62  ? 8.345   1.781   4.322   1.00 50.44  ? 62  PHE L C   1 
ATOM   472 O O   . PHE A 1 62  ? 8.967   2.842   4.309   1.00 50.68  ? 62  PHE L O   1 
ATOM   473 C CB  . PHE A 1 62  ? 6.392   2.315   5.752   1.00 42.67  ? 62  PHE L CB  1 
ATOM   474 C CG  . PHE A 1 62  ? 5.336   1.785   6.659   1.00 41.23  ? 62  PHE L CG  1 
ATOM   475 C CD1 . PHE A 1 62  ? 4.516   0.745   6.251   1.00 40.08  ? 62  PHE L CD1 1 
ATOM   476 C CD2 . PHE A 1 62  ? 5.179   2.299   7.937   1.00 40.38  ? 62  PHE L CD2 1 
ATOM   477 C CE1 . PHE A 1 62  ? 3.550   0.220   7.113   1.00 39.18  ? 62  PHE L CE1 1 
ATOM   478 C CE2 . PHE A 1 62  ? 4.218   1.780   8.805   1.00 38.95  ? 62  PHE L CE2 1 
ATOM   479 C CZ  . PHE A 1 62  ? 3.404   0.740   8.393   1.00 38.47  ? 62  PHE L CZ  1 
ATOM   480 N N   . SER A 1 63  ? 8.308   0.956   3.286   1.00 28.35  ? 63  SER L N   1 
ATOM   481 C CA  . SER A 1 63  ? 9.034   1.259   2.070   1.00 28.20  ? 63  SER L CA  1 
ATOM   482 C C   . SER A 1 63  ? 8.275   0.770   0.861   1.00 27.73  ? 63  SER L C   1 
ATOM   483 O O   . SER A 1 63  ? 7.889   -0.395  0.783   1.00 28.02  ? 63  SER L O   1 
ATOM   484 C CB  . SER A 1 63  ? 10.398  0.593   2.115   1.00 44.46  ? 63  SER L CB  1 
ATOM   485 O OG  . SER A 1 63  ? 10.244  -0.772  2.453   1.00 45.52  ? 63  SER L OG  1 
ATOM   486 N N   . GLY A 1 64  ? 8.046   1.678   -0.076  1.00 37.66  ? 64  GLY L N   1 
ATOM   487 C CA  . GLY A 1 64  ? 7.357   1.311   -1.292  1.00 37.35  ? 64  GLY L CA  1 
ATOM   488 C C   . GLY A 1 64  ? 8.395   1.249   -2.390  1.00 37.16  ? 64  GLY L C   1 
ATOM   489 O O   . GLY A 1 64  ? 9.449   1.875   -2.295  1.00 37.79  ? 64  GLY L O   1 
ATOM   490 N N   . SER A 1 65  ? 8.105   0.484   -3.430  1.00 46.49  ? 65  SER L N   1 
ATOM   491 C CA  . SER A 1 65  ? 9.003   0.349   -4.562  1.00 46.26  ? 65  SER L CA  1 
ATOM   492 C C   . SER A 1 65  ? 8.154   -0.033  -5.765  1.00 46.63  ? 65  SER L C   1 
ATOM   493 O O   . SER A 1 65  ? 6.978   -0.364  -5.621  1.00 46.81  ? 65  SER L O   1 
ATOM   494 C CB  . SER A 1 65  ? 10.039  -0.731  -4.277  1.00 36.28  ? 65  SER L CB  1 
ATOM   495 O OG  . SER A 1 65  ? 9.408   -1.891  -3.769  1.00 35.48  ? 65  SER L OG  1 
ATOM   496 N N   . GLY A 1 66  ? 8.742   0.012   -6.949  1.00 31.51  ? 66  GLY L N   1 
ATOM   497 C CA  . GLY A 1 66  ? 7.994   -0.331  -8.143  1.00 31.72  ? 66  GLY L CA  1 
ATOM   498 C C   . GLY A 1 66  ? 7.837   0.841   -9.097  1.00 31.88  ? 66  GLY L C   1 
ATOM   499 O O   . GLY A 1 66  ? 7.959   2.004   -8.713  1.00 31.81  ? 66  GLY L O   1 
ATOM   500 N N   . SER A 1 67  ? 7.569   0.522   -10.358 1.00 44.20  ? 67  SER L N   1 
ATOM   501 C CA  . SER A 1 67  ? 7.387   1.522   -11.397 1.00 44.30  ? 67  SER L CA  1 
ATOM   502 C C   . SER A 1 67  ? 6.729   0.842   -12.594 1.00 44.10  ? 67  SER L C   1 
ATOM   503 O O   . SER A 1 67  ? 6.971   -0.337  -12.866 1.00 44.18  ? 67  SER L O   1 
ATOM   504 C CB  . SER A 1 67  ? 8.736   2.118   -11.803 1.00 87.85  ? 67  SER L CB  1 
ATOM   505 O OG  . SER A 1 67  ? 9.634   1.108   -12.232 1.00 77.34  ? 67  SER L OG  1 
ATOM   506 N N   . GLY A 1 68  ? 5.885   1.588   -13.296 1.00 46.31  ? 68  GLY L N   1 
ATOM   507 C CA  . GLY A 1 68  ? 5.200   1.043   -14.449 1.00 45.95  ? 68  GLY L CA  1 
ATOM   508 C C   . GLY A 1 68  ? 3.865   0.429   -14.086 1.00 45.87  ? 68  GLY L C   1 
ATOM   509 O O   . GLY A 1 68  ? 2.866   1.140   -13.936 1.00 45.64  ? 68  GLY L O   1 
ATOM   510 N N   . THR A 1 69  ? 3.849   -0.892  -13.932 1.00 35.02  ? 69  THR L N   1 
ATOM   511 C CA  . THR A 1 69  ? 2.615   -1.593  -13.611 1.00 35.15  ? 69  THR L CA  1 
ATOM   512 C C   . THR A 1 69  ? 2.694   -2.451  -12.350 1.00 35.69  ? 69  THR L C   1 
ATOM   513 O O   . THR A 1 69  ? 1.670   -2.873  -11.820 1.00 35.99  ? 69  THR L O   1 
ATOM   514 C CB  . THR A 1 69  ? 2.156   -2.464  -14.815 1.00 32.36  ? 69  THR L CB  1 
ATOM   515 O OG1 . THR A 1 69  ? 3.203   -3.369  -15.185 1.00 31.87  ? 69  THR L OG1 1 
ATOM   516 C CG2 . THR A 1 69  ? 1.817   -1.576  -16.011 1.00 32.51  ? 69  THR L CG2 1 
ATOM   517 N N   . GLN A 1 70  ? 3.909   -2.696  -11.870 1.00 36.78  ? 70  GLN L N   1 
ATOM   518 C CA  . GLN A 1 70  ? 4.133   -3.491  -10.664 1.00 37.21  ? 70  GLN L CA  1 
ATOM   519 C C   . GLN A 1 70  ? 4.670   -2.599  -9.534  1.00 36.63  ? 70  GLN L C   1 
ATOM   520 O O   . GLN A 1 70  ? 5.653   -1.879  -9.708  1.00 36.63  ? 70  GLN L O   1 
ATOM   521 C CB  . GLN A 1 70  ? 5.137   -4.609  -10.955 1.00 97.78  ? 70  GLN L CB  1 
ATOM   522 C CG  . GLN A 1 70  ? 4.628   -5.702  -11.885 1.00 99.95  ? 70  GLN L CG  1 
ATOM   523 C CD  . GLN A 1 70  ? 3.769   -6.727  -11.164 1.00 100.00 ? 70  GLN L CD  1 
ATOM   524 O OE1 . GLN A 1 70  ? 4.225   -7.385  -10.225 1.00 100.00 ? 70  GLN L OE1 1 
ATOM   525 N NE2 . GLN A 1 70  ? 2.521   -6.873  -11.602 1.00 100.00 ? 70  GLN L NE2 1 
ATOM   526 N N   . PHE A 1 71  ? 4.010   -2.624  -8.383  1.00 32.52  ? 71  PHE L N   1 
ATOM   527 C CA  . PHE A 1 71  ? 4.459   -1.827  -7.245  1.00 32.06  ? 71  PHE L CA  1 
ATOM   528 C C   . PHE A 1 71  ? 4.262   -2.653  -5.997  1.00 31.88  ? 71  PHE L C   1 
ATOM   529 O O   . PHE A 1 71  ? 3.388   -3.513  -5.953  1.00 31.90  ? 71  PHE L O   1 
ATOM   530 C CB  . PHE A 1 71  ? 3.646   -0.543  -7.089  1.00 25.05  ? 71  PHE L CB  1 
ATOM   531 C CG  . PHE A 1 71  ? 3.579   0.291   -8.317  1.00 24.45  ? 71  PHE L CG  1 
ATOM   532 C CD1 . PHE A 1 71  ? 2.737   -0.054  -9.360  1.00 24.50  ? 71  PHE L CD1 1 
ATOM   533 C CD2 . PHE A 1 71  ? 4.347   1.441   -8.424  1.00 25.07  ? 71  PHE L CD2 1 
ATOM   534 C CE1 . PHE A 1 71  ? 2.659   0.733   -10.497 1.00 24.53  ? 71  PHE L CE1 1 
ATOM   535 C CE2 . PHE A 1 71  ? 4.277   2.235   -9.555  1.00 25.20  ? 71  PHE L CE2 1 
ATOM   536 C CZ  . PHE A 1 71  ? 3.431   1.881   -10.595 1.00 24.84  ? 71  PHE L CZ  1 
ATOM   537 N N   . SER A 1 72  ? 5.066   -2.390  -4.979  1.00 29.34  ? 72  SER L N   1 
ATOM   538 C CA  . SER A 1 72  ? 4.924   -3.130  -3.744  1.00 28.96  ? 72  SER L CA  1 
ATOM   539 C C   . SER A 1 72  ? 5.316   -2.308  -2.526  1.00 29.26  ? 72  SER L C   1 
ATOM   540 O O   . SER A 1 72  ? 6.252   -1.498  -2.559  1.00 29.18  ? 72  SER L O   1 
ATOM   541 C CB  . SER A 1 72  ? 5.755   -4.409  -3.789  1.00 43.37  ? 72  SER L CB  1 
ATOM   542 O OG  . SER A 1 72  ? 7.139   -4.112  -3.787  1.00 43.72  ? 72  SER L OG  1 
ATOM   543 N N   . LEU A 1 73  ? 4.565   -2.529  -1.455  1.00 26.88  ? 73  LEU L N   1 
ATOM   544 C CA  . LEU A 1 73  ? 4.773   -1.883  -0.176  1.00 27.44  ? 73  LEU L CA  1 
ATOM   545 C C   . LEU A 1 73  ? 5.305   -2.995  0.725   1.00 28.14  ? 73  LEU L C   1 
ATOM   546 O O   . LEU A 1 73  ? 4.676   -4.043  0.863   1.00 27.95  ? 73  LEU L O   1 
ATOM   547 C CB  . LEU A 1 73  ? 3.440   -1.362  0.362   1.00 26.99  ? 73  LEU L CB  1 
ATOM   548 C CG  . LEU A 1 73  ? 3.469   -0.844  1.796   1.00 26.74  ? 73  LEU L CG  1 
ATOM   549 C CD1 . LEU A 1 73  ? 4.162   0.489   1.802   1.00 26.25  ? 73  LEU L CD1 1 
ATOM   550 C CD2 . LEU A 1 73  ? 2.065   -0.728  2.354   1.00 26.82  ? 73  LEU L CD2 1 
ATOM   551 N N   . LYS A 1 74  ? 6.472   -2.780  1.314   1.00 34.88  ? 74  LYS L N   1 
ATOM   552 C CA  . LYS A 1 74  ? 7.075   -3.771  2.196   1.00 35.96  ? 74  LYS L CA  1 
ATOM   553 C C   . LYS A 1 74  ? 7.058   -3.211  3.613   1.00 36.38  ? 74  LYS L C   1 
ATOM   554 O O   . LYS A 1 74  ? 7.292   -2.024  3.811   1.00 36.12  ? 74  LYS L O   1 
ATOM   555 C CB  . LYS A 1 74  ? 8.515   -4.039  1.752   1.00 63.72  ? 74  LYS L CB  1 
ATOM   556 C CG  . LYS A 1 74  ? 9.307   -4.988  2.629   1.00 65.65  ? 74  LYS L CG  1 
ATOM   557 C CD  . LYS A 1 74  ? 10.758  -5.024  2.174   1.00 67.23  ? 74  LYS L CD  1 
ATOM   558 C CE  . LYS A 1 74  ? 11.626  -5.886  3.082   1.00 68.09  ? 74  LYS L CE  1 
ATOM   559 N NZ  . LYS A 1 74  ? 13.077  -5.810  2.714   1.00 69.01  ? 74  LYS L NZ  1 
ATOM   560 N N   . ILE A 1 75  ? 6.767   -4.054  4.597   1.00 38.35  ? 75  ILE L N   1 
ATOM   561 C CA  . ILE A 1 75  ? 6.744   -3.604  5.986   1.00 38.75  ? 75  ILE L CA  1 
ATOM   562 C C   . ILE A 1 75  ? 7.731   -4.421  6.792   1.00 39.03  ? 75  ILE L C   1 
ATOM   563 O O   . ILE A 1 75  ? 7.625   -5.639  6.857   1.00 38.94  ? 75  ILE L O   1 
ATOM   564 C CB  . ILE A 1 75  ? 5.358   -3.776  6.628   1.00 30.07  ? 75  ILE L CB  1 
ATOM   565 C CG1 . ILE A 1 75  ? 4.317   -3.002  5.827   1.00 29.90  ? 75  ILE L CG1 1 
ATOM   566 C CG2 . ILE A 1 75  ? 5.393   -3.284  8.072   1.00 29.66  ? 75  ILE L CG2 1 
ATOM   567 C CD1 . ILE A 1 75  ? 2.917   -3.138  6.372   1.00 29.72  ? 75  ILE L CD1 1 
ATOM   568 N N   . ASN A 1 76  ? 8.688   -3.743  7.410   1.00 52.59  ? 76  ASN L N   1 
ATOM   569 C CA  . ASN A 1 76  ? 9.697   -4.418  8.208   1.00 53.43  ? 76  ASN L CA  1 
ATOM   570 C C   . ASN A 1 76  ? 9.340   -4.428  9.678   1.00 53.76  ? 76  ASN L C   1 
ATOM   571 O O   . ASN A 1 76  ? 8.807   -3.453  10.205  1.00 54.58  ? 76  ASN L O   1 
ATOM   572 C CB  . ASN A 1 76  ? 11.047  -3.744  8.007   1.00 60.33  ? 76  ASN L CB  1 
ATOM   573 C CG  . ASN A 1 76  ? 11.624  -4.031  6.649   1.00 61.59  ? 76  ASN L CG  1 
ATOM   574 O OD1 . ASN A 1 76  ? 12.030  -5.157  6.365   1.00 62.57  ? 76  ASN L OD1 1 
ATOM   575 N ND2 . ASN A 1 76  ? 11.650  -3.019  5.789   1.00 62.12  ? 76  ASN L ND2 1 
ATOM   576 N N   . SER A 1 77  ? 9.648   -5.537  10.338  1.00 54.44  ? 77  SER L N   1 
ATOM   577 C CA  . SER A 1 77  ? 9.350   -5.683  11.749  1.00 53.76  ? 77  SER L CA  1 
ATOM   578 C C   . SER A 1 77  ? 7.985   -5.111  12.064  1.00 52.80  ? 77  SER L C   1 
ATOM   579 O O   . SER A 1 77  ? 7.857   -4.004  12.577  1.00 52.58  ? 77  SER L O   1 
ATOM   580 C CB  . SER A 1 77  ? 10.407  -4.986  12.596  1.00 69.30  ? 77  SER L CB  1 
ATOM   581 O OG  . SER A 1 77  ? 11.616  -5.712  12.564  1.00 70.02  ? 77  SER L OG  1 
ATOM   582 N N   . LEU A 1 78  ? 6.955   -5.868  11.734  1.00 47.62  ? 78  LEU L N   1 
ATOM   583 C CA  . LEU A 1 78  ? 5.612   -5.423  12.016  1.00 46.65  ? 78  LEU L CA  1 
ATOM   584 C C   . LEU A 1 78  ? 5.511   -4.989  13.469  1.00 46.29  ? 78  LEU L C   1 
ATOM   585 O O   . LEU A 1 78  ? 5.952   -5.702  14.373  1.00 45.72  ? 78  LEU L O   1 
ATOM   586 C CB  . LEU A 1 78  ? 4.623   -6.555  11.770  1.00 52.33  ? 78  LEU L CB  1 
ATOM   587 C CG  . LEU A 1 78  ? 3.851   -6.547  10.463  1.00 50.92  ? 78  LEU L CG  1 
ATOM   588 C CD1 . LEU A 1 78  ? 4.772   -6.257  9.294   1.00 50.70  ? 78  LEU L CD1 1 
ATOM   589 C CD2 . LEU A 1 78  ? 3.178   -7.900  10.312  1.00 50.73  ? 78  LEU L CD2 1 
ATOM   590 N N   . GLN A 1 79  ? 4.949   -3.803  13.679  1.00 40.46  ? 79  GLN L N   1 
ATOM   591 C CA  . GLN A 1 79  ? 4.730   -3.280  15.019  1.00 40.45  ? 79  GLN L CA  1 
ATOM   592 C C   . GLN A 1 79  ? 3.266   -3.632  15.253  1.00 40.83  ? 79  GLN L C   1 
ATOM   593 O O   . GLN A 1 79  ? 2.499   -3.724  14.308  1.00 40.80  ? 79  GLN L O   1 
ATOM   594 C CB  . GLN A 1 79  ? 4.950   -1.771  15.036  1.00 62.44  ? 79  GLN L CB  1 
ATOM   595 C CG  . GLN A 1 79  ? 5.943   -1.297  16.089  1.00 63.59  ? 79  GLN L CG  1 
ATOM   596 C CD  . GLN A 1 79  ? 7.091   -2.277  16.316  1.00 64.46  ? 79  GLN L CD  1 
ATOM   597 O OE1 . GLN A 1 79  ? 6.924   -3.286  17.002  1.00 65.01  ? 79  GLN L OE1 1 
ATOM   598 N NE2 . GLN A 1 79  ? 8.255   -1.989  15.732  1.00 64.55  ? 79  GLN L NE2 1 
ATOM   599 N N   . PRO A 1 80  ? 2.857   -3.843  16.504  1.00 44.99  ? 80  PRO L N   1 
ATOM   600 C CA  . PRO A 1 80  ? 1.453   -4.191  16.733  1.00 45.17  ? 80  PRO L CA  1 
ATOM   601 C C   . PRO A 1 80  ? 0.440   -3.198  16.173  1.00 45.28  ? 80  PRO L C   1 
ATOM   602 O O   . PRO A 1 80  ? -0.669  -3.584  15.815  1.00 45.52  ? 80  PRO L O   1 
ATOM   603 C CB  . PRO A 1 80  ? 1.378   -4.313  18.249  1.00 49.32  ? 80  PRO L CB  1 
ATOM   604 C CG  . PRO A 1 80  ? 2.365   -3.299  18.697  1.00 49.59  ? 80  PRO L CG  1 
ATOM   605 C CD  . PRO A 1 80  ? 3.534   -3.563  17.777  1.00 49.52  ? 80  PRO L CD  1 
ATOM   606 N N   . GLU A 1 81  ? 0.826   -1.926  16.092  1.00 46.64  ? 81  GLU L N   1 
ATOM   607 C CA  . GLU A 1 81  ? -0.063  -0.882  15.582  1.00 46.38  ? 81  GLU L CA  1 
ATOM   608 C C   . GLU A 1 81  ? -0.274  -0.901  14.067  1.00 45.43  ? 81  GLU L C   1 
ATOM   609 O O   . GLU A 1 81  ? -1.173  -0.235  13.560  1.00 45.35  ? 81  GLU L O   1 
ATOM   610 C CB  . GLU A 1 81  ? 0.462   0.499   15.979  1.00 45.40  ? 81  GLU L CB  1 
ATOM   611 C CG  . GLU A 1 81  ? 1.855   0.803   15.452  1.00 47.80  ? 81  GLU L CG  1 
ATOM   612 C CD  . GLU A 1 81  ? 2.920   0.721   16.528  1.00 49.24  ? 81  GLU L CD  1 
ATOM   613 O OE1 . GLU A 1 81  ? 2.918   -0.265  17.298  1.00 50.21  ? 81  GLU L OE1 1 
ATOM   614 O OE2 . GLU A 1 81  ? 3.763   1.642   16.598  1.00 49.58  ? 81  GLU L OE2 1 
ATOM   615 N N   . ASP A 1 82  ? 0.548   -1.661  13.350  1.00 31.08  ? 82  ASP L N   1 
ATOM   616 C CA  . ASP A 1 82  ? 0.460   -1.735  11.900  1.00 30.21  ? 82  ASP L CA  1 
ATOM   617 C C   . ASP A 1 82  ? -0.634  -2.642  11.356  1.00 29.60  ? 82  ASP L C   1 
ATOM   618 O O   . ASP A 1 82  ? -0.825  -2.744  10.144  1.00 29.01  ? 82  ASP L O   1 
ATOM   619 C CB  . ASP A 1 82  ? 1.802   -2.177  11.332  1.00 40.37  ? 82  ASP L CB  1 
ATOM   620 C CG  . ASP A 1 82  ? 2.932   -1.310  11.807  1.00 40.03  ? 82  ASP L CG  1 
ATOM   621 O OD1 . ASP A 1 82  ? 2.667   -0.124  12.105  1.00 39.28  ? 82  ASP L OD1 1 
ATOM   622 O OD2 . ASP A 1 82  ? 4.078   -1.802  11.872  1.00 39.72  ? 82  ASP L OD2 1 
ATOM   623 N N   . PHE A 1 83  ? -1.358  -3.307  12.237  1.00 34.43  ? 83  PHE L N   1 
ATOM   624 C CA  . PHE A 1 83  ? -2.394  -4.193  11.764  1.00 34.17  ? 83  PHE L CA  1 
ATOM   625 C C   . PHE A 1 83  ? -3.650  -3.404  11.409  1.00 34.40  ? 83  PHE L C   1 
ATOM   626 O O   . PHE A 1 83  ? -4.149  -2.617  12.205  1.00 34.42  ? 83  PHE L O   1 
ATOM   627 C CB  . PHE A 1 83  ? -2.654  -5.274  12.816  1.00 51.61  ? 83  PHE L CB  1 
ATOM   628 C CG  . PHE A 1 83  ? -1.520  -6.282  12.934  1.00 54.06  ? 83  PHE L CG  1 
ATOM   629 C CD1 . PHE A 1 83  ? -1.470  -7.402  12.107  1.00 54.06  ? 83  PHE L CD1 1 
ATOM   630 C CD2 . PHE A 1 83  ? -0.483  -6.090  13.848  1.00 54.06  ? 83  PHE L CD2 1 
ATOM   631 C CE1 . PHE A 1 83  ? -0.413  -8.306  12.187  1.00 54.06  ? 83  PHE L CE1 1 
ATOM   632 C CE2 . PHE A 1 83  ? 0.580   -6.997  13.930  1.00 54.06  ? 83  PHE L CE2 1 
ATOM   633 C CZ  . PHE A 1 83  ? 0.609   -8.102  13.097  1.00 54.06  ? 83  PHE L CZ  1 
ATOM   634 N N   . GLY A 1 84  ? -4.124  -3.602  10.182  1.00 29.04  ? 84  GLY L N   1 
ATOM   635 C CA  . GLY A 1 84  ? -5.305  -2.920  9.680   1.00 28.29  ? 84  GLY L CA  1 
ATOM   636 C C   . GLY A 1 84  ? -5.416  -3.183  8.187   1.00 27.69  ? 84  GLY L C   1 
ATOM   637 O O   . GLY A 1 84  ? -4.970  -4.224  7.704   1.00 27.68  ? 84  GLY L O   1 
ATOM   638 N N   . SER A 1 85  ? -5.997  -2.247  7.445   1.00 27.90  ? 85  SER L N   1 
ATOM   639 C CA  . SER A 1 85  ? -6.147  -2.407  6.000   1.00 27.11  ? 85  SER L CA  1 
ATOM   640 C C   . SER A 1 85  ? -5.201  -1.499  5.231   1.00 26.46  ? 85  SER L C   1 
ATOM   641 O O   . SER A 1 85  ? -4.903  -0.389  5.662   1.00 26.29  ? 85  SER L O   1 
ATOM   642 C CB  . SER A 1 85  ? -7.584  -2.106  5.573   1.00 35.44  ? 85  SER L CB  1 
ATOM   643 O OG  . SER A 1 85  ? -8.482  -3.065  6.104   1.00 35.00  ? 85  SER L OG  1 
ATOM   644 N N   . TYR A 1 86  ? -4.727  -1.978  4.086   1.00 34.67  ? 86  TYR L N   1 
ATOM   645 C CA  . TYR A 1 86  ? -3.820  -1.201  3.250   1.00 33.78  ? 86  TYR L CA  1 
ATOM   646 C C   . TYR A 1 86  ? -4.369  -1.123  1.843   1.00 33.92  ? 86  TYR L C   1 
ATOM   647 O O   . TYR A 1 86  ? -4.778  -2.128  1.274   1.00 33.73  ? 86  TYR L O   1 
ATOM   648 C CB  . TYR A 1 86  ? -2.420  -1.825  3.248   1.00 28.44  ? 86  TYR L CB  1 
ATOM   649 C CG  . TYR A 1 86  ? -1.733  -1.718  4.590   1.00 26.89  ? 86  TYR L CG  1 
ATOM   650 C CD1 . TYR A 1 86  ? -2.057  -2.586  5.632   1.00 26.40  ? 86  TYR L CD1 1 
ATOM   651 C CD2 . TYR A 1 86  ? -0.794  -0.716  4.835   1.00 26.32  ? 86  TYR L CD2 1 
ATOM   652 C CE1 . TYR A 1 86  ? -1.468  -2.465  6.882   1.00 26.14  ? 86  TYR L CE1 1 
ATOM   653 C CE2 . TYR A 1 86  ? -0.198  -0.579  6.080   1.00 26.09  ? 86  TYR L CE2 1 
ATOM   654 C CZ  . TYR A 1 86  ? -0.540  -1.461  7.101   1.00 25.87  ? 86  TYR L CZ  1 
ATOM   655 O OH  . TYR A 1 86  ? 0.048   -1.339  8.337   1.00 24.91  ? 86  TYR L OH  1 
ATOM   656 N N   . TYR A 1 87  ? -4.378  0.080   1.288   1.00 25.42  ? 87  TYR L N   1 
ATOM   657 C CA  . TYR A 1 87  ? -4.910  0.302   -0.050  1.00 25.61  ? 87  TYR L CA  1 
ATOM   658 C C   . TYR A 1 87  ? -3.935  1.043   -0.952  1.00 25.26  ? 87  TYR L C   1 
ATOM   659 O O   . TYR A 1 87  ? -3.254  1.973   -0.514  1.00 24.90  ? 87  TYR L O   1 
ATOM   660 C CB  . TYR A 1 87  ? -6.201  1.136   0.033   1.00 21.83  ? 87  TYR L CB  1 
ATOM   661 C CG  . TYR A 1 87  ? -7.304  0.513   0.852   1.00 22.12  ? 87  TYR L CG  1 
ATOM   662 C CD1 . TYR A 1 87  ? -7.953  -0.628  0.405   1.00 22.40  ? 87  TYR L CD1 1 
ATOM   663 C CD2 . TYR A 1 87  ? -7.672  1.040   2.091   1.00 22.34  ? 87  TYR L CD2 1 
ATOM   664 C CE1 . TYR A 1 87  ? -8.944  -1.243  1.167   1.00 22.77  ? 87  TYR L CE1 1 
ATOM   665 C CE2 . TYR A 1 87  ? -8.656  0.434   2.865   1.00 22.32  ? 87  TYR L CE2 1 
ATOM   666 C CZ  . TYR A 1 87  ? -9.287  -0.714  2.390   1.00 22.62  ? 87  TYR L CZ  1 
ATOM   667 O OH  . TYR A 1 87  ? -10.247 -1.365  3.132   1.00 22.92  ? 87  TYR L OH  1 
ATOM   668 N N   . CYS A 1 88  ? -3.858  0.633   -2.210  1.00 21.29  ? 88  CYS L N   1 
ATOM   669 C CA  . CYS A 1 88  ? -3.017  1.361   -3.140  1.00 20.97  ? 88  CYS L CA  1 
ATOM   670 C C   . CYS A 1 88  ? -3.984  2.154   -4.008  1.00 20.13  ? 88  CYS L C   1 
ATOM   671 O O   . CYS A 1 88  ? -5.135  1.749   -4.201  1.00 20.54  ? 88  CYS L O   1 
ATOM   672 C CB  . CYS A 1 88  ? -2.169  0.437   -4.003  1.00 25.37  ? 88  CYS L CB  1 
ATOM   673 S SG  . CYS A 1 88  ? -3.055  -0.574  -5.215  1.00 26.75  ? 88  CYS L SG  1 
ATOM   674 N N   . GLN A 1 89  ? -3.538  3.306   -4.488  1.00 30.71  ? 89  GLN L N   1 
ATOM   675 C CA  . GLN A 1 89  ? -4.369  4.149   -5.331  1.00 29.84  ? 89  GLN L CA  1 
ATOM   676 C C   . GLN A 1 89  ? -3.474  4.819   -6.348  1.00 29.54  ? 89  GLN L C   1 
ATOM   677 O O   . GLN A 1 89  ? -2.456  5.425   -5.988  1.00 29.79  ? 89  GLN L O   1 
ATOM   678 C CB  . GLN A 1 89  ? -5.072  5.222   -4.503  1.00 24.16  ? 89  GLN L CB  1 
ATOM   679 C CG  . GLN A 1 89  ? -5.917  6.157   -5.345  1.00 23.29  ? 89  GLN L CG  1 
ATOM   680 C CD  . GLN A 1 89  ? -6.403  7.383   -4.579  1.00 23.00  ? 89  GLN L CD  1 
ATOM   681 O OE1 . GLN A 1 89  ? -5.659  7.961   -3.756  1.00 22.42  ? 89  GLN L OE1 1 
ATOM   682 N NE2 . GLN A 1 89  ? -7.655  7.777   -4.823  1.00 23.04  ? 89  GLN L NE2 1 
ATOM   683 N N   . HIS A 1 90  ? -3.842  4.710   -7.620  1.00 33.13  ? 90  HIS L N   1 
ATOM   684 C CA  . HIS A 1 90  ? -3.048  5.332   -8.665  1.00 33.02  ? 90  HIS L CA  1 
ATOM   685 C C   . HIS A 1 90  ? -3.396  6.815   -8.709  1.00 33.49  ? 90  HIS L C   1 
ATOM   686 O O   . HIS A 1 90  ? -4.552  7.197   -8.550  1.00 33.44  ? 90  HIS L O   1 
ATOM   687 C CB  . HIS A 1 90  ? -3.316  4.668   -10.026 1.00 34.39  ? 90  HIS L CB  1 
ATOM   688 C CG  . HIS A 1 90  ? -4.587  5.107   -10.691 1.00 33.00  ? 90  HIS L CG  1 
ATOM   689 N ND1 . HIS A 1 90  ? -5.798  4.483   -10.476 1.00 32.59  ? 90  HIS L ND1 1 
ATOM   690 C CD2 . HIS A 1 90  ? -4.829  6.104   -11.576 1.00 32.29  ? 90  HIS L CD2 1 
ATOM   691 C CE1 . HIS A 1 90  ? -6.730  5.078   -11.201 1.00 32.49  ? 90  HIS L CE1 1 
ATOM   692 N NE2 . HIS A 1 90  ? -6.168  6.063   -11.877 1.00 32.27  ? 90  HIS L NE2 1 
ATOM   693 N N   . HIS A 1 91  ? -2.389  7.655   -8.884  1.00 43.80  ? 91  HIS L N   1 
ATOM   694 C CA  . HIS A 1 91  ? -2.631  9.083   -8.963  1.00 44.35  ? 91  HIS L CA  1 
ATOM   695 C C   . HIS A 1 91  ? -2.308  9.506   -10.379 1.00 45.09  ? 91  HIS L C   1 
ATOM   696 O O   . HIS A 1 91  ? -1.694  10.544  -10.600 1.00 44.81  ? 91  HIS L O   1 
ATOM   697 C CB  . HIS A 1 91  ? -1.745  9.831   -7.968  1.00 49.95  ? 91  HIS L CB  1 
ATOM   698 C CG  . HIS A 1 91  ? -2.166  9.662   -6.542  1.00 49.89  ? 91  HIS L CG  1 
ATOM   699 N ND1 . HIS A 1 91  ? -1.483  10.232  -5.490  1.00 50.22  ? 91  HIS L ND1 1 
ATOM   700 C CD2 . HIS A 1 91  ? -3.211  8.992   -5.995  1.00 49.82  ? 91  HIS L CD2 1 
ATOM   701 C CE1 . HIS A 1 91  ? -2.087  9.922   -4.357  1.00 49.94  ? 91  HIS L CE1 1 
ATOM   702 N NE2 . HIS A 1 91  ? -3.139  9.171   -4.636  1.00 49.69  ? 91  HIS L NE2 1 
ATOM   703 N N   . TYR A 1 92  ? -2.729  8.692   -11.342 1.00 64.68  ? 92  TYR L N   1 
ATOM   704 C CA  . TYR A 1 92  ? -2.458  8.978   -12.741 1.00 65.75  ? 92  TYR L CA  1 
ATOM   705 C C   . TYR A 1 92  ? -3.643  9.567   -13.497 1.00 66.00  ? 92  TYR L C   1 
ATOM   706 O O   . TYR A 1 92  ? -3.901  10.769  -13.420 1.00 67.01  ? 92  TYR L O   1 
ATOM   707 C CB  . TYR A 1 92  ? -1.978  7.717   -13.449 1.00 71.55  ? 92  TYR L CB  1 
ATOM   708 C CG  . TYR A 1 92  ? -1.317  7.997   -14.775 1.00 72.64  ? 92  TYR L CG  1 
ATOM   709 C CD1 . TYR A 1 92  ? -0.223  8.855   -14.857 1.00 73.36  ? 92  TYR L CD1 1 
ATOM   710 C CD2 . TYR A 1 92  ? -1.767  7.388   -15.942 1.00 73.14  ? 92  TYR L CD2 1 
ATOM   711 C CE1 . TYR A 1 92  ? 0.410   9.100   -16.067 1.00 73.58  ? 92  TYR L CE1 1 
ATOM   712 C CE2 . TYR A 1 92  ? -1.142  7.625   -17.160 1.00 73.66  ? 92  TYR L CE2 1 
ATOM   713 C CZ  . TYR A 1 92  ? -0.053  8.480   -17.217 1.00 73.92  ? 92  TYR L CZ  1 
ATOM   714 O OH  . TYR A 1 92  ? 0.579   8.701   -18.421 1.00 74.72  ? 92  TYR L OH  1 
ATOM   715 N N   . GLY A 1 93  ? -4.361  8.726   -14.234 1.00 71.43  ? 93  GLY L N   1 
ATOM   716 C CA  . GLY A 1 93  ? -5.496  9.220   -14.996 1.00 72.02  ? 93  GLY L CA  1 
ATOM   717 C C   . GLY A 1 93  ? -6.826  9.189   -14.266 1.00 72.49  ? 93  GLY L C   1 
ATOM   718 O O   . GLY A 1 93  ? -7.285  8.117   -13.859 1.00 72.96  ? 93  GLY L O   1 
ATOM   719 N N   . THR A 1 94  ? -7.455  10.354  -14.103 1.00 62.31  ? 94  THR L N   1 
ATOM   720 C CA  . THR A 1 94  ? -8.745  10.407  -13.423 1.00 62.03  ? 94  THR L CA  1 
ATOM   721 C C   . THR A 1 94  ? -9.749  9.486   -14.112 1.00 62.32  ? 94  THR L C   1 
ATOM   722 O O   . THR A 1 94  ? -9.675  9.246   -15.318 1.00 62.27  ? 94  THR L O   1 
ATOM   723 C CB  . THR A 1 94  ? -9.357  11.836  -13.384 1.00 60.48  ? 94  THR L CB  1 
ATOM   724 O OG1 . THR A 1 94  ? -9.536  12.320  -14.717 1.00 60.93  ? 94  THR L OG1 1 
ATOM   725 C CG2 . THR A 1 94  ? -8.468  12.789  -12.599 1.00 60.75  ? 94  THR L CG2 1 
ATOM   726 N N   . PRO A 1 95  ? -10.696 8.943   -13.335 1.00 62.43  ? 95  PRO L N   1 
ATOM   727 C CA  . PRO A 1 95  ? -10.760 9.221   -11.897 1.00 61.84  ? 95  PRO L CA  1 
ATOM   728 C C   . PRO A 1 95  ? -9.771  8.319   -11.158 1.00 61.21  ? 95  PRO L C   1 
ATOM   729 O O   . PRO A 1 95  ? -9.427  7.235   -11.638 1.00 61.69  ? 95  PRO L O   1 
ATOM   730 C CB  . PRO A 1 95  ? -12.209 8.895   -11.541 1.00 50.26  ? 95  PRO L CB  1 
ATOM   731 C CG  . PRO A 1 95  ? -12.922 8.836   -12.883 1.00 50.27  ? 95  PRO L CG  1 
ATOM   732 C CD  . PRO A 1 95  ? -11.897 8.225   -13.776 1.00 50.64  ? 95  PRO L CD  1 
ATOM   733 N N   . PHE A 1 96  ? -9.311  8.770   -9.997  1.00 56.21  ? 96  PHE L N   1 
ATOM   734 C CA  . PHE A 1 96  ? -8.367  7.991   -9.213  1.00 55.37  ? 96  PHE L CA  1 
ATOM   735 C C   . PHE A 1 96  ? -9.102  6.894   -8.456  1.00 55.04  ? 96  PHE L C   1 
ATOM   736 O O   . PHE A 1 96  ? -10.096 7.146   -7.776  1.00 55.69  ? 96  PHE L O   1 
ATOM   737 C CB  . PHE A 1 96  ? -7.619  8.908   -8.258  1.00 47.66  ? 96  PHE L CB  1 
ATOM   738 C CG  . PHE A 1 96  ? -6.891  10.021  -8.953  1.00 55.25  ? 96  PHE L CG  1 
ATOM   739 C CD1 . PHE A 1 96  ? -6.846  10.078  -10.346 1.00 55.25  ? 96  PHE L CD1 1 
ATOM   740 C CD2 . PHE A 1 96  ? -6.237  11.007  -8.225  1.00 55.25  ? 96  PHE L CD2 1 
ATOM   741 C CE1 . PHE A 1 96  ? -6.164  11.092  -11.001 1.00 55.25  ? 96  PHE L CE1 1 
ATOM   742 C CE2 . PHE A 1 96  ? -5.546  12.032  -8.876  1.00 55.25  ? 96  PHE L CE2 1 
ATOM   743 C CZ  . PHE A 1 96  ? -5.513  12.071  -10.267 1.00 55.25  ? 96  PHE L CZ  1 
ATOM   744 N N   . THR A 1 97  ? -8.613  5.668   -8.584  1.00 46.24  ? 97  THR L N   1 
ATOM   745 C CA  . THR A 1 97  ? -9.254  4.543   -7.931  1.00 45.48  ? 97  THR L CA  1 
ATOM   746 C C   . THR A 1 97  ? -8.316  3.695   -7.076  1.00 45.26  ? 97  THR L C   1 
ATOM   747 O O   . THR A 1 97  ? -7.106  3.684   -7.286  1.00 45.31  ? 97  THR L O   1 
ATOM   748 C CB  . THR A 1 97  ? -9.941  3.680   -8.977  1.00 27.81  ? 97  THR L CB  1 
ATOM   749 O OG1 . THR A 1 97  ? -9.019  3.389   -10.034 1.00 27.67  ? 97  THR L OG1 1 
ATOM   750 C CG2 . THR A 1 97  ? -11.122 4.426   -9.550  1.00 26.98  ? 97  THR L CG2 1 
ATOM   751 N N   . PHE A 1 98  ? -8.896  2.994   -6.104  1.00 29.71  ? 98  PHE L N   1 
ATOM   752 C CA  . PHE A 1 98  ? -8.140  2.148   -5.186  1.00 28.89  ? 98  PHE L CA  1 
ATOM   753 C C   . PHE A 1 98  ? -8.078  0.667   -5.577  1.00 29.35  ? 98  PHE L C   1 
ATOM   754 O O   . PHE A 1 98  ? -8.716  0.223   -6.526  1.00 29.96  ? 98  PHE L O   1 
ATOM   755 C CB  . PHE A 1 98  ? -8.742  2.226   -3.780  1.00 31.32  ? 98  PHE L CB  1 
ATOM   756 C CG  . PHE A 1 98  ? -8.605  3.562   -3.126  1.00 30.64  ? 98  PHE L CG  1 
ATOM   757 C CD1 . PHE A 1 98  ? -9.302  4.660   -3.603  1.00 30.28  ? 98  PHE L CD1 1 
ATOM   758 C CD2 . PHE A 1 98  ? -7.813  3.712   -1.995  1.00 30.06  ? 98  PHE L CD2 1 
ATOM   759 C CE1 . PHE A 1 98  ? -9.222  5.898   -2.957  1.00 30.06  ? 98  PHE L CE1 1 
ATOM   760 C CE2 . PHE A 1 98  ? -7.722  4.937   -1.340  1.00 30.04  ? 98  PHE L CE2 1 
ATOM   761 C CZ  . PHE A 1 98  ? -8.432  6.035   -1.821  1.00 30.16  ? 98  PHE L CZ  1 
ATOM   762 N N   . GLY A 1 99  ? -7.290  -0.088  -4.819  1.00 27.61  ? 99  GLY L N   1 
ATOM   763 C CA  . GLY A 1 99  ? -7.178  -1.511  -5.048  1.00 27.58  ? 99  GLY L CA  1 
ATOM   764 C C   . GLY A 1 99  ? -8.181  -2.178  -4.120  1.00 27.97  ? 99  GLY L C   1 
ATOM   765 O O   . GLY A 1 99  ? -8.770  -1.527  -3.259  1.00 27.96  ? 99  GLY L O   1 
ATOM   766 N N   . SER A 1 100 ? -8.379  -3.477  -4.291  1.00 27.39  ? 100 SER L N   1 
ATOM   767 C CA  . SER A 1 100 ? -9.328  -4.220  -3.475  1.00 27.60  ? 100 SER L CA  1 
ATOM   768 C C   . SER A 1 100 ? -8.977  -4.136  -1.993  1.00 27.95  ? 100 SER L C   1 
ATOM   769 O O   . SER A 1 100 ? -9.848  -4.257  -1.135  1.00 28.65  ? 100 SER L O   1 
ATOM   770 C CB  . SER A 1 100 ? -9.341  -5.675  -3.925  1.00 52.84  ? 100 SER L CB  1 
ATOM   771 O OG  . SER A 1 100 ? -9.096  -5.745  -5.319  1.00 52.84  ? 100 SER L OG  1 
ATOM   772 N N   . GLY A 1 101 ? -7.702  -3.934  -1.690  1.00 34.50  ? 101 GLY L N   1 
ATOM   773 C CA  . GLY A 1 101 ? -7.292  -3.848  -0.303  1.00 34.08  ? 101 GLY L CA  1 
ATOM   774 C C   . GLY A 1 101 ? -6.655  -5.122  0.229   1.00 33.95  ? 101 GLY L C   1 
ATOM   775 O O   . GLY A 1 101 ? -6.794  -6.199  -0.344  1.00 33.60  ? 101 GLY L O   1 
ATOM   776 N N   . THR A 1 102 ? -5.950  -4.981  1.343   1.00 18.90  ? 102 THR L N   1 
ATOM   777 C CA  . THR A 1 102 ? -5.268  -6.086  1.998   1.00 19.38  ? 102 THR L CA  1 
ATOM   778 C C   . THR A 1 102 ? -5.494  -5.932  3.502   1.00 20.36  ? 102 THR L C   1 
ATOM   779 O O   . THR A 1 102 ? -5.149  -4.898  4.104   1.00 19.99  ? 102 THR L O   1 
ATOM   780 C CB  . THR A 1 102 ? -3.746  -6.043  1.719   1.00 25.23  ? 102 THR L CB  1 
ATOM   781 O OG1 . THR A 1 102 ? -3.514  -5.938  0.307   1.00 24.26  ? 102 THR L OG1 1 
ATOM   782 C CG2 . THR A 1 102 ? -3.070  -7.300  2.252   1.00 24.90  ? 102 THR L CG2 1 
ATOM   783 N N   . LYS A 1 103 ? -6.092  -6.950  4.104   1.00 22.81  ? 103 LYS L N   1 
ATOM   784 C CA  . LYS A 1 103 ? -6.349  -6.935  5.529   1.00 24.11  ? 103 LYS L CA  1 
ATOM   785 C C   . LYS A 1 103 ? -5.132  -7.627  6.122   1.00 24.64  ? 103 LYS L C   1 
ATOM   786 O O   . LYS A 1 103 ? -4.802  -8.753  5.729   1.00 24.77  ? 103 LYS L O   1 
ATOM   787 C CB  . LYS A 1 103 ? -7.616  -7.725  5.830   1.00 91.07  ? 103 LYS L CB  1 
ATOM   788 C CG  . LYS A 1 103 ? -8.297  -7.387  7.139   1.00 94.10  ? 103 LYS L CG  1 
ATOM   789 C CD  . LYS A 1 103 ? -9.612  -8.145  7.217   1.00 94.10  ? 103 LYS L CD  1 
ATOM   790 C CE  . LYS A 1 103 ? -10.449 -7.749  8.418   1.00 94.10  ? 103 LYS L CE  1 
ATOM   791 N NZ  . LYS A 1 103 ? -11.764 -8.462  8.390   1.00 94.10  ? 103 LYS L NZ  1 
ATOM   792 N N   . LEU A 1 104 ? -4.446  -6.949  7.038   1.00 22.05  ? 104 LEU L N   1 
ATOM   793 C CA  . LEU A 1 104 ? -3.254  -7.505  7.668   1.00 22.72  ? 104 LEU L CA  1 
ATOM   794 C C   . LEU A 1 104 ? -3.571  -7.808  9.132   1.00 23.60  ? 104 LEU L C   1 
ATOM   795 O O   . LEU A 1 104 ? -3.948  -6.912  9.871   1.00 23.63  ? 104 LEU L O   1 
ATOM   796 C CB  . LEU A 1 104 ? -2.113  -6.492  7.567   1.00 32.84  ? 104 LEU L CB  1 
ATOM   797 C CG  . LEU A 1 104 ? -0.680  -6.986  7.779   1.00 32.37  ? 104 LEU L CG  1 
ATOM   798 C CD1 . LEU A 1 104 ? 0.299   -5.846  7.540   1.00 31.63  ? 104 LEU L CD1 1 
ATOM   799 C CD2 . LEU A 1 104 ? -0.525  -7.519  9.184   1.00 32.25  ? 104 LEU L CD2 1 
ATOM   800 N N   . GLU A 1 105 ? -3.427  -9.056  9.560   1.00 43.33  ? 105 GLU L N   1 
ATOM   801 C CA  . GLU A 1 105 ? -3.739  -9.385  10.946  1.00 44.63  ? 105 GLU L CA  1 
ATOM   802 C C   . GLU A 1 105 ? -2.826  -10.422 11.606  1.00 45.08  ? 105 GLU L C   1 
ATOM   803 O O   . GLU A 1 105 ? -2.257  -11.285 10.934  1.00 45.15  ? 105 GLU L O   1 
ATOM   804 C CB  . GLU A 1 105 ? -5.194  -9.834  11.033  1.00 93.04  ? 105 GLU L CB  1 
ATOM   805 C CG  . GLU A 1 105 ? -5.567  -10.845 9.977   1.00 93.81  ? 105 GLU L CG  1 
ATOM   806 C CD  . GLU A 1 105 ? -7.064  -11.012 9.839   1.00 93.81  ? 105 GLU L CD  1 
ATOM   807 O OE1 . GLU A 1 105 ? -7.723  -11.292 10.861  1.00 93.81  ? 105 GLU L OE1 1 
ATOM   808 O OE2 . GLU A 1 105 ? -7.580  -10.867 8.710   1.00 93.81  ? 105 GLU L OE2 1 
ATOM   809 N N   . ILE A 1 106 ? -2.695  -10.326 12.930  1.00 90.79  ? 106 ILE L N   1 
ATOM   810 C CA  . ILE A 1 106 ? -1.857  -11.230 13.730  1.00 90.79  ? 106 ILE L CA  1 
ATOM   811 C C   . ILE A 1 106 ? -2.448  -12.635 13.901  1.00 90.79  ? 106 ILE L C   1 
ATOM   812 O O   . ILE A 1 106 ? -1.670  -13.622 13.894  1.00 90.79  ? 106 ILE L O   1 
ATOM   813 C CB  . ILE A 1 106 ? -1.586  -10.621 15.128  1.00 77.22  ? 106 ILE L CB  1 
ATOM   814 C CG1 . ILE A 1 106 ? -1.243  -11.726 16.147  1.00 76.76  ? 106 ILE L CG1 1 
ATOM   815 C CG2 . ILE A 1 106 ? -2.790  -9.820  15.574  1.00 77.76  ? 106 ILE L CG2 1 
ATOM   816 C CD1 . ILE A 1 106 ? 0.055   -12.479 15.881  1.00 77.04  ? 106 ILE L CD1 1 
HETATM 817 O O   . HOH B 2 .   ? 5.006   1.283   -4.126  1.00 38.36  ? 115 HOH L O   1 
HETATM 818 O O   . HOH B 2 .   ? 10.028  3.712   0.450   1.00 47.27  ? 116 HOH L O   1 
HETATM 819 O O   . HOH B 2 .   ? -8.754  0.301   -9.363  1.00 47.51  ? 117 HOH L O   1 
HETATM 820 O O   . HOH B 2 .   ? -10.702 -4.281  1.689   1.00 48.73  ? 118 HOH L O   1 
HETATM 821 O O   . HOH B 2 .   ? -2.980  11.363  5.642   1.00 42.32  ? 119 HOH L O   1 
HETATM 822 O O   . HOH B 2 .   ? -4.808  -4.646  -13.168 1.00 43.03  ? 120 HOH L O   1 
HETATM 823 O O   . HOH B 2 .   ? 2.572   -11.167 16.926  1.00 30.38  ? 121 HOH L O   1 
HETATM 824 O O   . HOH B 2 .   ? 1.363   9.717   -5.897  1.00 40.03  ? 122 HOH L O   1 
# 
